data_1OMY
# 
_entry.id   1OMY 
# 
_audit_conform.dict_name       mmcif_pdbx.dic 
_audit_conform.dict_version    5.398 
_audit_conform.dict_location   http://mmcif.pdb.org/dictionaries/ascii/mmcif_pdbx.dic 
# 
loop_
_database_2.database_id 
_database_2.database_code 
_database_2.pdbx_database_accession 
_database_2.pdbx_DOI 
PDB   1OMY         pdb_00001omy 10.2210/pdb1omy/pdb 
RCSB  RCSB018455   ?            ?                   
WWPDB D_1000018455 ?            ?                   
# 
loop_
_pdbx_audit_revision_history.ordinal 
_pdbx_audit_revision_history.data_content_type 
_pdbx_audit_revision_history.major_revision 
_pdbx_audit_revision_history.minor_revision 
_pdbx_audit_revision_history.revision_date 
1 'Structure model' 1 0 2003-09-09 
2 'Structure model' 1 1 2008-04-29 
3 'Structure model' 1 2 2011-07-13 
4 'Structure model' 1 3 2022-12-21 
5 'Structure model' 1 4 2023-11-08 
6 'Structure model' 1 5 2024-10-30 
# 
_pdbx_audit_revision_details.ordinal             1 
_pdbx_audit_revision_details.revision_ordinal    1 
_pdbx_audit_revision_details.data_content_type   'Structure model' 
_pdbx_audit_revision_details.provider            repository 
_pdbx_audit_revision_details.type                'Initial release' 
_pdbx_audit_revision_details.description         ? 
_pdbx_audit_revision_details.details             ? 
# 
loop_
_pdbx_audit_revision_group.ordinal 
_pdbx_audit_revision_group.revision_ordinal 
_pdbx_audit_revision_group.data_content_type 
_pdbx_audit_revision_group.group 
1 2 'Structure model' 'Version format compliance' 
2 3 'Structure model' 'Version format compliance' 
3 4 'Structure model' 'Database references'       
4 4 'Structure model' 'Derived calculations'      
5 5 'Structure model' 'Data collection'           
6 5 'Structure model' 'Refinement description'    
7 6 'Structure model' 'Structure summary'         
# 
loop_
_pdbx_audit_revision_category.ordinal 
_pdbx_audit_revision_category.revision_ordinal 
_pdbx_audit_revision_category.data_content_type 
_pdbx_audit_revision_category.category 
1 4 'Structure model' database_2                    
2 4 'Structure model' struct_ref_seq_dif            
3 4 'Structure model' struct_site                   
4 5 'Structure model' chem_comp_atom                
5 5 'Structure model' chem_comp_bond                
6 5 'Structure model' pdbx_initial_refinement_model 
7 6 'Structure model' pdbx_entry_details            
8 6 'Structure model' pdbx_modification_feature     
# 
loop_
_pdbx_audit_revision_item.ordinal 
_pdbx_audit_revision_item.revision_ordinal 
_pdbx_audit_revision_item.data_content_type 
_pdbx_audit_revision_item.item 
1 4 'Structure model' '_database_2.pdbx_DOI'                
2 4 'Structure model' '_database_2.pdbx_database_accession' 
3 4 'Structure model' '_struct_ref_seq_dif.details'         
4 4 'Structure model' '_struct_site.pdbx_auth_asym_id'      
5 4 'Structure model' '_struct_site.pdbx_auth_comp_id'      
6 4 'Structure model' '_struct_site.pdbx_auth_seq_id'       
# 
_pdbx_database_status.status_code                     REL 
_pdbx_database_status.entry_id                        1OMY 
_pdbx_database_status.recvd_initial_deposition_date   2003-02-26 
_pdbx_database_status.deposit_site                    RCSB 
_pdbx_database_status.process_site                    PDBJ 
_pdbx_database_status.status_code_sf                  REL 
_pdbx_database_status.SG_entry                        . 
_pdbx_database_status.pdb_format_compatible           Y 
_pdbx_database_status.status_code_mr                  ? 
_pdbx_database_status.status_code_cs                  ? 
_pdbx_database_status.status_code_nmr_data            ? 
_pdbx_database_status.methods_development_category    ? 
# 
loop_
_audit_author.name 
_audit_author.pdbx_ordinal 
'Huang, Y.'    1 
'Huang, Q.'    2 
'Chen, H.'     3 
'Tang, Y.'     4 
'Miyake, H.'   5 
'Kusunoki, M.' 6 
# 
_citation.id                        primary 
_citation.title                     
;Crystallization and preliminary crystallographic study of rBmKalphaIT1, a recombinant alpha-insect toxin from the scorpion Buthus martensii Karsch.
;
_citation.journal_abbrev            'Acta Crystallogr.,Sect.D' 
_citation.journal_volume            59 
_citation.page_first                1635 
_citation.page_last                 1636 
_citation.year                      2003 
_citation.journal_id_ASTM           ABCRE6 
_citation.country                   DK 
_citation.journal_id_ISSN           0907-4449 
_citation.journal_id_CSD            0766 
_citation.book_publisher            ? 
_citation.pdbx_database_id_PubMed   12925796 
_citation.pdbx_database_id_DOI      10.1107/S090744490301415X 
# 
loop_
_citation_author.citation_id 
_citation_author.name 
_citation_author.ordinal 
_citation_author.identifier_ORCID 
primary 'Huang, Y.'    1 ? 
primary 'Huang, Q.'    2 ? 
primary 'Chen, H.'     3 ? 
primary 'Tang, Y.'     4 ? 
primary 'Miyake, H.'   5 ? 
primary 'Kusunoki, M.' 6 ? 
# 
loop_
_entity.id 
_entity.type 
_entity.src_method 
_entity.pdbx_description 
_entity.formula_weight 
_entity.pdbx_number_of_molecules 
_entity.pdbx_ec 
_entity.pdbx_mutation 
_entity.pdbx_fragment 
_entity.details 
1 polymer     man 'Alpha-neurotoxin TX12' 7330.416 1  ? ? 'residues 2-65' ? 
2 non-polymer syn 'CHLORIDE ION'          35.453   1  ? ? ?               ? 
3 non-polymer syn 'ACETIC ACID'           60.052   1  ? ? ?               ? 
4 water       nat water                   18.015   38 ? ? ?               ? 
# 
_entity_name_com.entity_id   1 
_entity_name_com.name        rBmKaIT1 
# 
_entity_poly.entity_id                      1 
_entity_poly.type                           'polypeptide(L)' 
_entity_poly.nstd_linkage                   no 
_entity_poly.nstd_monomer                   no 
_entity_poly.pdbx_seq_one_letter_code       MVRDAYIAQNYNCVYHCARDAYCNELCTKNGAKSGSCPYLGEHKFACYCKDLPDNVPIRVPGKCH 
_entity_poly.pdbx_seq_one_letter_code_can   MVRDAYIAQNYNCVYHCARDAYCNELCTKNGAKSGSCPYLGEHKFACYCKDLPDNVPIRVPGKCH 
_entity_poly.pdbx_strand_id                 A 
_entity_poly.pdbx_target_identifier         ? 
# 
loop_
_pdbx_entity_nonpoly.entity_id 
_pdbx_entity_nonpoly.name 
_pdbx_entity_nonpoly.comp_id 
2 'CHLORIDE ION' CL  
3 'ACETIC ACID'  ACY 
4 water          HOH 
# 
loop_
_entity_poly_seq.entity_id 
_entity_poly_seq.num 
_entity_poly_seq.mon_id 
_entity_poly_seq.hetero 
1 1  MET n 
1 2  VAL n 
1 3  ARG n 
1 4  ASP n 
1 5  ALA n 
1 6  TYR n 
1 7  ILE n 
1 8  ALA n 
1 9  GLN n 
1 10 ASN n 
1 11 TYR n 
1 12 ASN n 
1 13 CYS n 
1 14 VAL n 
1 15 TYR n 
1 16 HIS n 
1 17 CYS n 
1 18 ALA n 
1 19 ARG n 
1 20 ASP n 
1 21 ALA n 
1 22 TYR n 
1 23 CYS n 
1 24 ASN n 
1 25 GLU n 
1 26 LEU n 
1 27 CYS n 
1 28 THR n 
1 29 LYS n 
1 30 ASN n 
1 31 GLY n 
1 32 ALA n 
1 33 LYS n 
1 34 SER n 
1 35 GLY n 
1 36 SER n 
1 37 CYS n 
1 38 PRO n 
1 39 TYR n 
1 40 LEU n 
1 41 GLY n 
1 42 GLU n 
1 43 HIS n 
1 44 LYS n 
1 45 PHE n 
1 46 ALA n 
1 47 CYS n 
1 48 TYR n 
1 49 CYS n 
1 50 LYS n 
1 51 ASP n 
1 52 LEU n 
1 53 PRO n 
1 54 ASP n 
1 55 ASN n 
1 56 VAL n 
1 57 PRO n 
1 58 ILE n 
1 59 ARG n 
1 60 VAL n 
1 61 PRO n 
1 62 GLY n 
1 63 LYS n 
1 64 CYS n 
1 65 HIS n 
# 
_entity_src_gen.entity_id                          1 
_entity_src_gen.pdbx_src_id                        1 
_entity_src_gen.pdbx_alt_source_flag               sample 
_entity_src_gen.pdbx_seq_type                      ? 
_entity_src_gen.pdbx_beg_seq_num                   ? 
_entity_src_gen.pdbx_end_seq_num                   ? 
_entity_src_gen.gene_src_common_name               'Chinese scorpion' 
_entity_src_gen.gene_src_genus                     Mesobuthus 
_entity_src_gen.pdbx_gene_src_gene                 ? 
_entity_src_gen.gene_src_species                   ? 
_entity_src_gen.gene_src_strain                    ? 
_entity_src_gen.gene_src_tissue                    ? 
_entity_src_gen.gene_src_tissue_fraction           ? 
_entity_src_gen.gene_src_details                   ? 
_entity_src_gen.pdbx_gene_src_fragment             ? 
_entity_src_gen.pdbx_gene_src_scientific_name      'Mesobuthus martensii' 
_entity_src_gen.pdbx_gene_src_ncbi_taxonomy_id     34649 
_entity_src_gen.pdbx_gene_src_variant              ? 
_entity_src_gen.pdbx_gene_src_cell_line            ? 
_entity_src_gen.pdbx_gene_src_atcc                 ? 
_entity_src_gen.pdbx_gene_src_organ                ? 
_entity_src_gen.pdbx_gene_src_organelle            ? 
_entity_src_gen.pdbx_gene_src_cell                 ? 
_entity_src_gen.pdbx_gene_src_cellular_location    ? 
_entity_src_gen.host_org_common_name               ? 
_entity_src_gen.pdbx_host_org_scientific_name      'Escherichia coli BL21(DE3)' 
_entity_src_gen.pdbx_host_org_ncbi_taxonomy_id     469008 
_entity_src_gen.host_org_genus                     Escherichia 
_entity_src_gen.pdbx_host_org_gene                 ? 
_entity_src_gen.pdbx_host_org_organ                ? 
_entity_src_gen.host_org_species                   'Escherichia coli' 
_entity_src_gen.pdbx_host_org_tissue               ? 
_entity_src_gen.pdbx_host_org_tissue_fraction      ? 
_entity_src_gen.pdbx_host_org_strain               'BL21(DE3)' 
_entity_src_gen.pdbx_host_org_variant              ? 
_entity_src_gen.pdbx_host_org_cell_line            ? 
_entity_src_gen.pdbx_host_org_atcc                 ? 
_entity_src_gen.pdbx_host_org_culture_collection   ? 
_entity_src_gen.pdbx_host_org_cell                 ? 
_entity_src_gen.pdbx_host_org_organelle            ? 
_entity_src_gen.pdbx_host_org_cellular_location    ? 
_entity_src_gen.pdbx_host_org_vector_type          plasmid 
_entity_src_gen.pdbx_host_org_vector               ? 
_entity_src_gen.host_org_details                   ? 
_entity_src_gen.expression_system_id               ? 
_entity_src_gen.plasmid_name                       pET15b 
_entity_src_gen.plasmid_details                    ? 
_entity_src_gen.pdbx_description                   ? 
# 
loop_
_chem_comp.id 
_chem_comp.type 
_chem_comp.mon_nstd_flag 
_chem_comp.name 
_chem_comp.pdbx_synonyms 
_chem_comp.formula 
_chem_comp.formula_weight 
ACY non-polymer         . 'ACETIC ACID'   ? 'C2 H4 O2'       60.052  
ALA 'L-peptide linking' y ALANINE         ? 'C3 H7 N O2'     89.093  
ARG 'L-peptide linking' y ARGININE        ? 'C6 H15 N4 O2 1' 175.209 
ASN 'L-peptide linking' y ASPARAGINE      ? 'C4 H8 N2 O3'    132.118 
ASP 'L-peptide linking' y 'ASPARTIC ACID' ? 'C4 H7 N O4'     133.103 
CL  non-polymer         . 'CHLORIDE ION'  ? 'Cl -1'          35.453  
CYS 'L-peptide linking' y CYSTEINE        ? 'C3 H7 N O2 S'   121.158 
GLN 'L-peptide linking' y GLUTAMINE       ? 'C5 H10 N2 O3'   146.144 
GLU 'L-peptide linking' y 'GLUTAMIC ACID' ? 'C5 H9 N O4'     147.129 
GLY 'peptide linking'   y GLYCINE         ? 'C2 H5 N O2'     75.067  
HIS 'L-peptide linking' y HISTIDINE       ? 'C6 H10 N3 O2 1' 156.162 
HOH non-polymer         . WATER           ? 'H2 O'           18.015  
ILE 'L-peptide linking' y ISOLEUCINE      ? 'C6 H13 N O2'    131.173 
LEU 'L-peptide linking' y LEUCINE         ? 'C6 H13 N O2'    131.173 
LYS 'L-peptide linking' y LYSINE          ? 'C6 H15 N2 O2 1' 147.195 
MET 'L-peptide linking' y METHIONINE      ? 'C5 H11 N O2 S'  149.211 
PHE 'L-peptide linking' y PHENYLALANINE   ? 'C9 H11 N O2'    165.189 
PRO 'L-peptide linking' y PROLINE         ? 'C5 H9 N O2'     115.130 
SER 'L-peptide linking' y SERINE          ? 'C3 H7 N O3'     105.093 
THR 'L-peptide linking' y THREONINE       ? 'C4 H9 N O3'     119.119 
TYR 'L-peptide linking' y TYROSINE        ? 'C9 H11 N O3'    181.189 
VAL 'L-peptide linking' y VALINE          ? 'C5 H11 N O2'    117.146 
# 
loop_
_pdbx_poly_seq_scheme.asym_id 
_pdbx_poly_seq_scheme.entity_id 
_pdbx_poly_seq_scheme.seq_id 
_pdbx_poly_seq_scheme.mon_id 
_pdbx_poly_seq_scheme.ndb_seq_num 
_pdbx_poly_seq_scheme.pdb_seq_num 
_pdbx_poly_seq_scheme.auth_seq_num 
_pdbx_poly_seq_scheme.pdb_mon_id 
_pdbx_poly_seq_scheme.auth_mon_id 
_pdbx_poly_seq_scheme.pdb_strand_id 
_pdbx_poly_seq_scheme.pdb_ins_code 
_pdbx_poly_seq_scheme.hetero 
A 1 1  MET 1  1  ?  ?   ?   A . n 
A 1 2  VAL 2  2  2  VAL VAL A . n 
A 1 3  ARG 3  3  3  ARG ARG A . n 
A 1 4  ASP 4  4  4  ASP ASP A . n 
A 1 5  ALA 5  5  5  ALA ALA A . n 
A 1 6  TYR 6  6  6  TYR TYR A . n 
A 1 7  ILE 7  7  7  ILE ILE A . n 
A 1 8  ALA 8  8  8  ALA ALA A . n 
A 1 9  GLN 9  9  9  GLN GLN A . n 
A 1 10 ASN 10 10 10 ASN ASN A . n 
A 1 11 TYR 11 11 11 TYR TYR A . n 
A 1 12 ASN 12 12 12 ASN ASN A . n 
A 1 13 CYS 13 13 13 CYS CYS A . n 
A 1 14 VAL 14 14 14 VAL VAL A . n 
A 1 15 TYR 15 15 15 TYR TYR A . n 
A 1 16 HIS 16 16 16 HIS HIS A . n 
A 1 17 CYS 17 17 17 CYS CYS A . n 
A 1 18 ALA 18 18 18 ALA ALA A . n 
A 1 19 ARG 19 19 19 ARG ARG A . n 
A 1 20 ASP 20 20 20 ASP ASP A . n 
A 1 21 ALA 21 21 21 ALA ALA A . n 
A 1 22 TYR 22 22 22 TYR TYR A . n 
A 1 23 CYS 23 23 23 CYS CYS A . n 
A 1 24 ASN 24 24 24 ASN ASN A . n 
A 1 25 GLU 25 25 25 GLU GLU A . n 
A 1 26 LEU 26 26 26 LEU LEU A . n 
A 1 27 CYS 27 27 27 CYS CYS A . n 
A 1 28 THR 28 28 28 THR THR A . n 
A 1 29 LYS 29 29 29 LYS LYS A . n 
A 1 30 ASN 30 30 30 ASN ASN A . n 
A 1 31 GLY 31 31 31 GLY GLY A . n 
A 1 32 ALA 32 32 32 ALA ALA A . n 
A 1 33 LYS 33 33 33 LYS LYS A . n 
A 1 34 SER 34 34 34 SER SER A . n 
A 1 35 GLY 35 35 35 GLY GLY A . n 
A 1 36 SER 36 36 36 SER SER A . n 
A 1 37 CYS 37 37 37 CYS CYS A . n 
A 1 38 PRO 38 38 38 PRO PRO A . n 
A 1 39 TYR 39 39 39 TYR TYR A . n 
A 1 40 LEU 40 40 40 LEU LEU A . n 
A 1 41 GLY 41 41 41 GLY GLY A . n 
A 1 42 GLU 42 42 42 GLU GLU A . n 
A 1 43 HIS 43 43 43 HIS HIS A . n 
A 1 44 LYS 44 44 44 LYS LYS A . n 
A 1 45 PHE 45 45 45 PHE PHE A . n 
A 1 46 ALA 46 46 46 ALA ALA A . n 
A 1 47 CYS 47 47 47 CYS CYS A . n 
A 1 48 TYR 48 48 48 TYR TYR A . n 
A 1 49 CYS 49 49 49 CYS CYS A . n 
A 1 50 LYS 50 50 50 LYS LYS A . n 
A 1 51 ASP 51 51 51 ASP ASP A . n 
A 1 52 LEU 52 52 52 LEU LEU A . n 
A 1 53 PRO 53 53 53 PRO PRO A . n 
A 1 54 ASP 54 54 54 ASP ASP A . n 
A 1 55 ASN 55 55 55 ASN ASN A . n 
A 1 56 VAL 56 56 56 VAL VAL A . n 
A 1 57 PRO 57 57 57 PRO PRO A . n 
A 1 58 ILE 58 58 58 ILE ILE A . n 
A 1 59 ARG 59 59 59 ARG ARG A . n 
A 1 60 VAL 60 60 60 VAL VAL A . n 
A 1 61 PRO 61 61 61 PRO PRO A . n 
A 1 62 GLY 62 62 62 GLY GLY A . n 
A 1 63 LYS 63 63 63 LYS LYS A . n 
A 1 64 CYS 64 64 64 CYS CYS A . n 
A 1 65 HIS 65 65 65 HIS HIS A . n 
# 
loop_
_pdbx_nonpoly_scheme.asym_id 
_pdbx_nonpoly_scheme.entity_id 
_pdbx_nonpoly_scheme.mon_id 
_pdbx_nonpoly_scheme.ndb_seq_num 
_pdbx_nonpoly_scheme.pdb_seq_num 
_pdbx_nonpoly_scheme.auth_seq_num 
_pdbx_nonpoly_scheme.pdb_mon_id 
_pdbx_nonpoly_scheme.auth_mon_id 
_pdbx_nonpoly_scheme.pdb_strand_id 
_pdbx_nonpoly_scheme.pdb_ins_code 
B 2 CL  1  105 105 CL  CL1 A . 
C 3 ACY 1  101 101 ACY ACY A . 
D 4 HOH 1  106 1   HOH TIP A . 
D 4 HOH 2  107 2   HOH TIP A . 
D 4 HOH 3  108 3   HOH TIP A . 
D 4 HOH 4  109 4   HOH TIP A . 
D 4 HOH 5  110 5   HOH TIP A . 
D 4 HOH 6  111 7   HOH TIP A . 
D 4 HOH 7  112 8   HOH TIP A . 
D 4 HOH 8  113 9   HOH TIP A . 
D 4 HOH 9  114 10  HOH TIP A . 
D 4 HOH 10 115 11  HOH TIP A . 
D 4 HOH 11 116 12  HOH TIP A . 
D 4 HOH 12 117 13  HOH TIP A . 
D 4 HOH 13 118 14  HOH TIP A . 
D 4 HOH 14 119 15  HOH TIP A . 
D 4 HOH 15 120 16  HOH TIP A . 
D 4 HOH 16 121 17  HOH TIP A . 
D 4 HOH 17 122 18  HOH TIP A . 
D 4 HOH 18 123 19  HOH TIP A . 
D 4 HOH 19 124 20  HOH TIP A . 
D 4 HOH 20 125 21  HOH TIP A . 
D 4 HOH 21 126 22  HOH TIP A . 
D 4 HOH 22 127 23  HOH TIP A . 
D 4 HOH 23 128 25  HOH TIP A . 
D 4 HOH 24 129 26  HOH TIP A . 
D 4 HOH 25 130 27  HOH TIP A . 
D 4 HOH 26 131 28  HOH TIP A . 
D 4 HOH 27 132 29  HOH TIP A . 
D 4 HOH 28 133 30  HOH TIP A . 
D 4 HOH 29 134 31  HOH TIP A . 
D 4 HOH 30 135 32  HOH TIP A . 
D 4 HOH 31 136 33  HOH TIP A . 
D 4 HOH 32 137 34  HOH TIP A . 
D 4 HOH 33 138 35  HOH TIP A . 
D 4 HOH 34 139 36  HOH TIP A . 
D 4 HOH 35 140 37  HOH TIP A . 
D 4 HOH 36 141 38  HOH TIP A . 
D 4 HOH 37 142 39  HOH TIP A . 
D 4 HOH 38 143 40  HOH TIP A . 
# 
loop_
_software.name 
_software.classification 
_software.version 
_software.citation_id 
_software.pdbx_ordinal 
DPS    'data collection' . ? 1 
DPS    'data reduction'  . ? 2 
CNS    refinement        . ? 3 
MOSFLM 'data reduction'  . ? 4 
CNS    phasing           . ? 5 
# 
_cell.entry_id           1OMY 
_cell.length_a           30.241 
_cell.length_b           36.507 
_cell.length_c           57.080 
_cell.angle_alpha        90.00 
_cell.angle_beta         90.00 
_cell.angle_gamma        90.00 
_cell.Z_PDB              4 
_cell.pdbx_unique_axis   ? 
# 
_symmetry.entry_id                         1OMY 
_symmetry.space_group_name_H-M             'P 21 21 21' 
_symmetry.pdbx_full_space_group_name_H-M   ? 
_symmetry.cell_setting                     ? 
_symmetry.Int_Tables_number                19 
# 
_exptl.entry_id          1OMY 
_exptl.method            'X-RAY DIFFRACTION' 
_exptl.crystals_number   1 
# 
_exptl_crystal.id                    1 
_exptl_crystal.density_meas          ? 
_exptl_crystal.density_Matthews      2.08 
_exptl_crystal.density_percent_sol   40.29 
_exptl_crystal.description           ? 
# 
_exptl_crystal_grow.crystal_id      1 
_exptl_crystal_grow.method          ? 
_exptl_crystal_grow.temp            296.0 
_exptl_crystal_grow.temp_details    ? 
_exptl_crystal_grow.pH              5.90 
_exptl_crystal_grow.pdbx_details    'Na2HPO4, VAPOR DIFFUSION, HANGING DROP, pH 5.90, temperature 296.0K' 
_exptl_crystal_grow.pdbx_pH_range   ? 
# 
_diffrn.id                     1 
_diffrn.ambient_temp           293.0 
_diffrn.ambient_temp_details   ? 
_diffrn.crystal_id             1 
# 
_diffrn_detector.diffrn_id              1 
_diffrn_detector.detector               CCD 
_diffrn_detector.type                   'ADSC QUANTUM 4' 
_diffrn_detector.pdbx_collection_date   2003-01-30 
_diffrn_detector.details                ? 
# 
_diffrn_radiation.diffrn_id                        1 
_diffrn_radiation.wavelength_id                    1 
_diffrn_radiation.pdbx_monochromatic_or_laue_m_l   M 
_diffrn_radiation.monochromator                    GRAPHITE 
_diffrn_radiation.pdbx_diffrn_protocol             'SINGLE WAVELENGTH' 
_diffrn_radiation.pdbx_scattering_type             x-ray 
# 
_diffrn_radiation_wavelength.id           1 
_diffrn_radiation_wavelength.wavelength   1.0 
_diffrn_radiation_wavelength.wt           1.0 
# 
_diffrn_source.diffrn_id                   1 
_diffrn_source.source                      SYNCHROTRON 
_diffrn_source.type                        'PHOTON FACTORY BEAMLINE BL-18B' 
_diffrn_source.pdbx_synchrotron_site       'Photon Factory' 
_diffrn_source.pdbx_synchrotron_beamline   BL-18B 
_diffrn_source.pdbx_wavelength             1.0 
_diffrn_source.pdbx_wavelength_list        ? 
# 
_reflns.entry_id                     1OMY 
_reflns.observed_criterion_sigma_I   0.000 
_reflns.observed_criterion_sigma_F   ? 
_reflns.d_resolution_low             26.72 
_reflns.d_resolution_high            2.000 
_reflns.number_obs                   4614 
_reflns.number_all                   ? 
_reflns.percent_possible_obs         99.9 
_reflns.pdbx_Rmerge_I_obs            0.109 
_reflns.pdbx_Rsym_value              ? 
_reflns.pdbx_netI_over_sigmaI        4.7 
_reflns.B_iso_Wilson_estimate        ? 
_reflns.pdbx_redundancy              6.5 
_reflns.R_free_details               ? 
_reflns.limit_h_max                  ? 
_reflns.limit_h_min                  ? 
_reflns.limit_k_max                  ? 
_reflns.limit_k_min                  ? 
_reflns.limit_l_max                  ? 
_reflns.limit_l_min                  ? 
_reflns.observed_criterion_F_max     ? 
_reflns.observed_criterion_F_min     ? 
_reflns.pdbx_diffrn_id               1 
_reflns.pdbx_ordinal                 1 
# 
_reflns_shell.d_res_high             2.00 
_reflns_shell.d_res_low              2.11 
_reflns_shell.percent_possible_all   99.9 
_reflns_shell.Rmerge_I_obs           0.224 
_reflns_shell.pdbx_Rsym_value        ? 
_reflns_shell.meanI_over_sigI_obs    2.9 
_reflns_shell.pdbx_redundancy        6.1 
_reflns_shell.percent_possible_obs   ? 
_reflns_shell.number_unique_all      ? 
_reflns_shell.pdbx_diffrn_id         ? 
_reflns_shell.pdbx_ordinal           1 
# 
_refine.entry_id                                 1OMY 
_refine.ls_number_reflns_obs                     4590 
_refine.ls_number_reflns_all                     4615 
_refine.pdbx_ls_sigma_I                          ? 
_refine.pdbx_ls_sigma_F                          0.000 
_refine.pdbx_data_cutoff_high_absF               ? 
_refine.pdbx_data_cutoff_low_absF                ? 
_refine.pdbx_data_cutoff_high_rms_absF           ? 
_refine.ls_d_res_low                             26.72 
_refine.ls_d_res_high                            2.00 
_refine.ls_percent_reflns_obs                    99.9 
_refine.ls_R_factor_obs                          0.185 
_refine.ls_R_factor_all                          ? 
_refine.ls_R_factor_R_work                       0.185 
_refine.ls_R_factor_R_free                       0.218 
_refine.ls_R_factor_R_free_error                 ? 
_refine.ls_R_factor_R_free_error_details         ? 
_refine.ls_percent_reflns_R_free                 10.4 
_refine.ls_number_reflns_R_free                  480 
_refine.ls_number_parameters                     ? 
_refine.ls_number_restraints                     ? 
_refine.occupancy_min                            ? 
_refine.occupancy_max                            ? 
_refine.correlation_coeff_Fo_to_Fc               ? 
_refine.correlation_coeff_Fo_to_Fc_free          ? 
_refine.B_iso_mean                               ? 
_refine.aniso_B[1][1]                            ? 
_refine.aniso_B[2][2]                            ? 
_refine.aniso_B[3][3]                            ? 
_refine.aniso_B[1][2]                            ? 
_refine.aniso_B[1][3]                            ? 
_refine.aniso_B[2][3]                            ? 
_refine.solvent_model_details                    ? 
_refine.solvent_model_param_ksol                 ? 
_refine.solvent_model_param_bsol                 ? 
_refine.pdbx_solvent_vdw_probe_radii             ? 
_refine.pdbx_solvent_ion_probe_radii             ? 
_refine.pdbx_solvent_shrinkage_radii             ? 
_refine.pdbx_ls_cross_valid_method               ? 
_refine.details                                  ? 
_refine.pdbx_starting_model                      1SN1 
_refine.pdbx_method_to_determine_struct          'MOLECULAR REPLACEMENT' 
_refine.pdbx_isotropic_thermal_model             ? 
_refine.pdbx_stereochemistry_target_values       'ENGH & HUBER' 
_refine.pdbx_stereochem_target_val_spec_case     ? 
_refine.pdbx_R_Free_selection_details            RANDOM 
_refine.pdbx_overall_ESU_R                       ? 
_refine.pdbx_overall_ESU_R_Free                  ? 
_refine.overall_SU_ML                            ? 
_refine.overall_SU_B                             ? 
_refine.ls_redundancy_reflns_obs                 ? 
_refine.B_iso_min                                ? 
_refine.B_iso_max                                ? 
_refine.overall_SU_R_Cruickshank_DPI             ? 
_refine.overall_SU_R_free                        ? 
_refine.pdbx_refine_id                           'X-RAY DIFFRACTION' 
_refine.pdbx_diffrn_id                           1 
_refine.pdbx_TLS_residual_ADP_flag               ? 
_refine.pdbx_overall_phase_error                 ? 
_refine.pdbx_overall_SU_R_free_Cruickshank_DPI   ? 
_refine.pdbx_overall_SU_R_Blow_DPI               ? 
_refine.pdbx_overall_SU_R_free_Blow_DPI          ? 
# 
_refine_hist.pdbx_refine_id                   'X-RAY DIFFRACTION' 
_refine_hist.cycle_id                         LAST 
_refine_hist.pdbx_number_atoms_protein        499 
_refine_hist.pdbx_number_atoms_nucleic_acid   0 
_refine_hist.pdbx_number_atoms_ligand         1 
_refine_hist.number_atoms_solvent             42 
_refine_hist.number_atoms_total               542 
_refine_hist.d_res_high                       2.00 
_refine_hist.d_res_low                        26.72 
# 
loop_
_refine_ls_restr.type 
_refine_ls_restr.dev_ideal 
_refine_ls_restr.dev_ideal_target 
_refine_ls_restr.weight 
_refine_ls_restr.number 
_refine_ls_restr.pdbx_refine_id 
_refine_ls_restr.pdbx_restraint_function 
c_bond_d                0.00469 ? ? ? 'X-RAY DIFFRACTION' ? 
c_bond_d_na             ?       ? ? ? 'X-RAY DIFFRACTION' ? 
c_bond_d_prot           ?       ? ? ? 'X-RAY DIFFRACTION' ? 
c_angle_d               ?       ? ? ? 'X-RAY DIFFRACTION' ? 
c_angle_d_na            ?       ? ? ? 'X-RAY DIFFRACTION' ? 
c_angle_d_prot          ?       ? ? ? 'X-RAY DIFFRACTION' ? 
c_angle_deg             1.24094 ? ? ? 'X-RAY DIFFRACTION' ? 
c_angle_deg_na          ?       ? ? ? 'X-RAY DIFFRACTION' ? 
c_angle_deg_prot        ?       ? ? ? 'X-RAY DIFFRACTION' ? 
c_dihedral_angle_d      ?       ? ? ? 'X-RAY DIFFRACTION' ? 
c_dihedral_angle_d_na   ?       ? ? ? 'X-RAY DIFFRACTION' ? 
c_dihedral_angle_d_prot ?       ? ? ? 'X-RAY DIFFRACTION' ? 
c_improper_angle_d      ?       ? ? ? 'X-RAY DIFFRACTION' ? 
c_improper_angle_d_na   ?       ? ? ? 'X-RAY DIFFRACTION' ? 
c_improper_angle_d_prot ?       ? ? ? 'X-RAY DIFFRACTION' ? 
c_mcbond_it             ?       ? ? ? 'X-RAY DIFFRACTION' ? 
c_mcangle_it            ?       ? ? ? 'X-RAY DIFFRACTION' ? 
c_scbond_it             ?       ? ? ? 'X-RAY DIFFRACTION' ? 
c_scangle_it            ?       ? ? ? 'X-RAY DIFFRACTION' ? 
# 
_refine_ls_shell.pdbx_total_number_of_bins_used   10 
_refine_ls_shell.d_res_high                       2.00 
_refine_ls_shell.d_res_low                        2.11 
_refine_ls_shell.number_reflns_R_work             ? 
_refine_ls_shell.R_factor_R_work                  ? 
_refine_ls_shell.percent_reflns_obs               99.9 
_refine_ls_shell.R_factor_R_free                  ? 
_refine_ls_shell.R_factor_R_free_error            ? 
_refine_ls_shell.percent_reflns_R_free            ? 
_refine_ls_shell.number_reflns_R_free             ? 
_refine_ls_shell.redundancy_reflns_obs            ? 
_refine_ls_shell.number_reflns_all                ? 
_refine_ls_shell.number_reflns_obs                ? 
_refine_ls_shell.pdbx_refine_id                   'X-RAY DIFFRACTION' 
_refine_ls_shell.R_factor_all                     ? 
# 
_struct.entry_id                  1OMY 
_struct.title                     
'Crystal Structure of a Recombinant alpha-insect Toxin BmKaIT1 from the scorpion Buthus martensii Karsch' 
_struct.pdbx_model_details        ? 
_struct.pdbx_CASP_flag            ? 
_struct.pdbx_model_type_details   ? 
# 
_struct_keywords.entry_id        1OMY 
_struct_keywords.pdbx_keywords   TOXIN 
_struct_keywords.text            'alpha-insect toxin, sodium channel, Toxin' 
# 
loop_
_struct_asym.id 
_struct_asym.pdbx_blank_PDB_chainid_flag 
_struct_asym.pdbx_modified 
_struct_asym.entity_id 
_struct_asym.details 
A N N 1 ? 
B N N 2 ? 
C N N 3 ? 
D N N 4 ? 
# 
_struct_ref.id                         1 
_struct_ref.db_name                    UNP 
_struct_ref.db_code                    SC12_MESMA 
_struct_ref.entity_id                  1 
_struct_ref.pdbx_seq_one_letter_code   VRDAYIAQNYNCVYHCARDAYCNELCTKNGAKSGSCPYLGEHKFACYCKDLPDNVPIRVPGKCH 
_struct_ref.pdbx_align_begin           20 
_struct_ref.pdbx_db_accession          Q9GQW3 
_struct_ref.pdbx_db_isoform            ? 
# 
_struct_ref_seq.align_id                      1 
_struct_ref_seq.ref_id                        1 
_struct_ref_seq.pdbx_PDB_id_code              1OMY 
_struct_ref_seq.pdbx_strand_id                A 
_struct_ref_seq.seq_align_beg                 2 
_struct_ref_seq.pdbx_seq_align_beg_ins_code   ? 
_struct_ref_seq.seq_align_end                 65 
_struct_ref_seq.pdbx_seq_align_end_ins_code   ? 
_struct_ref_seq.pdbx_db_accession             Q9GQW3 
_struct_ref_seq.db_align_beg                  20 
_struct_ref_seq.pdbx_db_align_beg_ins_code    ? 
_struct_ref_seq.db_align_end                  83 
_struct_ref_seq.pdbx_db_align_end_ins_code    ? 
_struct_ref_seq.pdbx_auth_seq_align_beg       2 
_struct_ref_seq.pdbx_auth_seq_align_end       65 
# 
_struct_ref_seq_dif.align_id                     1 
_struct_ref_seq_dif.pdbx_pdb_id_code             1OMY 
_struct_ref_seq_dif.mon_id                       MET 
_struct_ref_seq_dif.pdbx_pdb_strand_id           A 
_struct_ref_seq_dif.seq_num                      1 
_struct_ref_seq_dif.pdbx_pdb_ins_code            ? 
_struct_ref_seq_dif.pdbx_seq_db_name             UNP 
_struct_ref_seq_dif.pdbx_seq_db_accession_code   Q9GQW3 
_struct_ref_seq_dif.db_mon_id                    ? 
_struct_ref_seq_dif.pdbx_seq_db_seq_num          ? 
_struct_ref_seq_dif.details                      'initiating methionine' 
_struct_ref_seq_dif.pdbx_auth_seq_num            1 
_struct_ref_seq_dif.pdbx_ordinal                 1 
# 
_pdbx_struct_assembly.id                   1 
_pdbx_struct_assembly.details              author_defined_assembly 
_pdbx_struct_assembly.method_details       ? 
_pdbx_struct_assembly.oligomeric_details   monomeric 
_pdbx_struct_assembly.oligomeric_count     1 
# 
_pdbx_struct_assembly_gen.assembly_id       1 
_pdbx_struct_assembly_gen.oper_expression   1 
_pdbx_struct_assembly_gen.asym_id_list      A,B,C,D 
# 
_pdbx_struct_oper_list.id                   1 
_pdbx_struct_oper_list.type                 'identity operation' 
_pdbx_struct_oper_list.name                 1_555 
_pdbx_struct_oper_list.symmetry_operation   x,y,z 
_pdbx_struct_oper_list.matrix[1][1]         1.0000000000 
_pdbx_struct_oper_list.matrix[1][2]         0.0000000000 
_pdbx_struct_oper_list.matrix[1][3]         0.0000000000 
_pdbx_struct_oper_list.vector[1]            0.0000000000 
_pdbx_struct_oper_list.matrix[2][1]         0.0000000000 
_pdbx_struct_oper_list.matrix[2][2]         1.0000000000 
_pdbx_struct_oper_list.matrix[2][3]         0.0000000000 
_pdbx_struct_oper_list.vector[2]            0.0000000000 
_pdbx_struct_oper_list.matrix[3][1]         0.0000000000 
_pdbx_struct_oper_list.matrix[3][2]         0.0000000000 
_pdbx_struct_oper_list.matrix[3][3]         1.0000000000 
_pdbx_struct_oper_list.vector[3]            0.0000000000 
# 
_struct_biol.id                    1 
_struct_biol.pdbx_parent_biol_id   ? 
_struct_biol.details               ? 
# 
_struct_conf.conf_type_id            HELX_P 
_struct_conf.id                      HELX_P1 
_struct_conf.pdbx_PDB_helix_id       1 
_struct_conf.beg_label_comp_id       ARG 
_struct_conf.beg_label_asym_id       A 
_struct_conf.beg_label_seq_id        19 
_struct_conf.pdbx_beg_PDB_ins_code   ? 
_struct_conf.end_label_comp_id       LYS 
_struct_conf.end_label_asym_id       A 
_struct_conf.end_label_seq_id        29 
_struct_conf.pdbx_end_PDB_ins_code   ? 
_struct_conf.beg_auth_comp_id        ARG 
_struct_conf.beg_auth_asym_id        A 
_struct_conf.beg_auth_seq_id         19 
_struct_conf.end_auth_comp_id        LYS 
_struct_conf.end_auth_asym_id        A 
_struct_conf.end_auth_seq_id         29 
_struct_conf.pdbx_PDB_helix_class    1 
_struct_conf.details                 ? 
_struct_conf.pdbx_PDB_helix_length   11 
# 
_struct_conf_type.id          HELX_P 
_struct_conf_type.criteria    ? 
_struct_conf_type.reference   ? 
# 
loop_
_struct_conn.id 
_struct_conn.conn_type_id 
_struct_conn.pdbx_leaving_atom_flag 
_struct_conn.pdbx_PDB_id 
_struct_conn.ptnr1_label_asym_id 
_struct_conn.ptnr1_label_comp_id 
_struct_conn.ptnr1_label_seq_id 
_struct_conn.ptnr1_label_atom_id 
_struct_conn.pdbx_ptnr1_label_alt_id 
_struct_conn.pdbx_ptnr1_PDB_ins_code 
_struct_conn.pdbx_ptnr1_standard_comp_id 
_struct_conn.ptnr1_symmetry 
_struct_conn.ptnr2_label_asym_id 
_struct_conn.ptnr2_label_comp_id 
_struct_conn.ptnr2_label_seq_id 
_struct_conn.ptnr2_label_atom_id 
_struct_conn.pdbx_ptnr2_label_alt_id 
_struct_conn.pdbx_ptnr2_PDB_ins_code 
_struct_conn.ptnr1_auth_asym_id 
_struct_conn.ptnr1_auth_comp_id 
_struct_conn.ptnr1_auth_seq_id 
_struct_conn.ptnr2_auth_asym_id 
_struct_conn.ptnr2_auth_comp_id 
_struct_conn.ptnr2_auth_seq_id 
_struct_conn.ptnr2_symmetry 
_struct_conn.pdbx_ptnr3_label_atom_id 
_struct_conn.pdbx_ptnr3_label_seq_id 
_struct_conn.pdbx_ptnr3_label_comp_id 
_struct_conn.pdbx_ptnr3_label_asym_id 
_struct_conn.pdbx_ptnr3_label_alt_id 
_struct_conn.pdbx_ptnr3_PDB_ins_code 
_struct_conn.details 
_struct_conn.pdbx_dist_value 
_struct_conn.pdbx_value_order 
_struct_conn.pdbx_role 
disulf1 disulf ? ? A CYS 13 SG ? ? ? 1_555 A CYS 64 SG ? ? A CYS 13 A CYS 64 1_555 ? ? ? ? ? ? ? 2.029 ? ? 
disulf2 disulf ? ? A CYS 17 SG ? ? ? 1_555 A CYS 37 SG ? ? A CYS 17 A CYS 37 1_555 ? ? ? ? ? ? ? 2.034 ? ? 
disulf3 disulf ? ? A CYS 23 SG ? ? ? 1_555 A CYS 47 SG ? ? A CYS 23 A CYS 47 1_555 ? ? ? ? ? ? ? 2.030 ? ? 
disulf4 disulf ? ? A CYS 27 SG ? ? ? 1_555 A CYS 49 SG ? ? A CYS 27 A CYS 49 1_555 ? ? ? ? ? ? ? 2.028 ? ? 
# 
_struct_conn_type.id          disulf 
_struct_conn_type.criteria    ? 
_struct_conn_type.reference   ? 
# 
loop_
_pdbx_modification_feature.ordinal 
_pdbx_modification_feature.label_comp_id 
_pdbx_modification_feature.label_asym_id 
_pdbx_modification_feature.label_seq_id 
_pdbx_modification_feature.label_alt_id 
_pdbx_modification_feature.modified_residue_label_comp_id 
_pdbx_modification_feature.modified_residue_label_asym_id 
_pdbx_modification_feature.modified_residue_label_seq_id 
_pdbx_modification_feature.modified_residue_label_alt_id 
_pdbx_modification_feature.auth_comp_id 
_pdbx_modification_feature.auth_asym_id 
_pdbx_modification_feature.auth_seq_id 
_pdbx_modification_feature.PDB_ins_code 
_pdbx_modification_feature.symmetry 
_pdbx_modification_feature.modified_residue_auth_comp_id 
_pdbx_modification_feature.modified_residue_auth_asym_id 
_pdbx_modification_feature.modified_residue_auth_seq_id 
_pdbx_modification_feature.modified_residue_PDB_ins_code 
_pdbx_modification_feature.modified_residue_symmetry 
_pdbx_modification_feature.comp_id_linking_atom 
_pdbx_modification_feature.modified_residue_id_linking_atom 
_pdbx_modification_feature.modified_residue_id 
_pdbx_modification_feature.ref_pcm_id 
_pdbx_modification_feature.ref_comp_id 
_pdbx_modification_feature.type 
_pdbx_modification_feature.category 
1 CYS A 13 ? CYS A 64 ? CYS A 13 ? 1_555 CYS A 64 ? 1_555 SG SG . . . None 'Disulfide bridge' 
2 CYS A 17 ? CYS A 37 ? CYS A 17 ? 1_555 CYS A 37 ? 1_555 SG SG . . . None 'Disulfide bridge' 
3 CYS A 23 ? CYS A 47 ? CYS A 23 ? 1_555 CYS A 47 ? 1_555 SG SG . . . None 'Disulfide bridge' 
4 CYS A 27 ? CYS A 49 ? CYS A 27 ? 1_555 CYS A 49 ? 1_555 SG SG . . . None 'Disulfide bridge' 
# 
_struct_mon_prot_cis.pdbx_id                1 
_struct_mon_prot_cis.label_comp_id          ASN 
_struct_mon_prot_cis.label_seq_id           10 
_struct_mon_prot_cis.label_asym_id          A 
_struct_mon_prot_cis.label_alt_id           . 
_struct_mon_prot_cis.pdbx_PDB_ins_code      ? 
_struct_mon_prot_cis.auth_comp_id           ASN 
_struct_mon_prot_cis.auth_seq_id            10 
_struct_mon_prot_cis.auth_asym_id           A 
_struct_mon_prot_cis.pdbx_label_comp_id_2   TYR 
_struct_mon_prot_cis.pdbx_label_seq_id_2    11 
_struct_mon_prot_cis.pdbx_label_asym_id_2   A 
_struct_mon_prot_cis.pdbx_PDB_ins_code_2    ? 
_struct_mon_prot_cis.pdbx_auth_comp_id_2    TYR 
_struct_mon_prot_cis.pdbx_auth_seq_id_2     11 
_struct_mon_prot_cis.pdbx_auth_asym_id_2    A 
_struct_mon_prot_cis.pdbx_PDB_model_num     1 
_struct_mon_prot_cis.pdbx_omega_angle       -0.86 
# 
loop_
_struct_sheet.id 
_struct_sheet.type 
_struct_sheet.number_strands 
_struct_sheet.details 
A ? 3 ? 
B ? 2 ? 
# 
loop_
_struct_sheet_order.sheet_id 
_struct_sheet_order.range_id_1 
_struct_sheet_order.range_id_2 
_struct_sheet_order.offset 
_struct_sheet_order.sense 
A 1 2 ? anti-parallel 
A 2 3 ? anti-parallel 
B 1 2 ? anti-parallel 
# 
loop_
_struct_sheet_range.sheet_id 
_struct_sheet_range.id 
_struct_sheet_range.beg_label_comp_id 
_struct_sheet_range.beg_label_asym_id 
_struct_sheet_range.beg_label_seq_id 
_struct_sheet_range.pdbx_beg_PDB_ins_code 
_struct_sheet_range.end_label_comp_id 
_struct_sheet_range.end_label_asym_id 
_struct_sheet_range.end_label_seq_id 
_struct_sheet_range.pdbx_end_PDB_ins_code 
_struct_sheet_range.beg_auth_comp_id 
_struct_sheet_range.beg_auth_asym_id 
_struct_sheet_range.beg_auth_seq_id 
_struct_sheet_range.end_auth_comp_id 
_struct_sheet_range.end_auth_asym_id 
_struct_sheet_range.end_auth_seq_id 
A 1 ARG A 3  ? TYR A 6  ? ARG A 3  TYR A 6  
A 2 TYR A 48 ? LEU A 52 ? TYR A 48 LEU A 52 
A 3 SER A 34 ? SER A 36 ? SER A 34 SER A 36 
B 1 ALA A 8  ? GLN A 9  ? ALA A 8  GLN A 9  
B 2 CYS A 13 ? VAL A 14 ? CYS A 13 VAL A 14 
# 
loop_
_pdbx_struct_sheet_hbond.sheet_id 
_pdbx_struct_sheet_hbond.range_id_1 
_pdbx_struct_sheet_hbond.range_id_2 
_pdbx_struct_sheet_hbond.range_1_label_atom_id 
_pdbx_struct_sheet_hbond.range_1_label_comp_id 
_pdbx_struct_sheet_hbond.range_1_label_asym_id 
_pdbx_struct_sheet_hbond.range_1_label_seq_id 
_pdbx_struct_sheet_hbond.range_1_PDB_ins_code 
_pdbx_struct_sheet_hbond.range_1_auth_atom_id 
_pdbx_struct_sheet_hbond.range_1_auth_comp_id 
_pdbx_struct_sheet_hbond.range_1_auth_asym_id 
_pdbx_struct_sheet_hbond.range_1_auth_seq_id 
_pdbx_struct_sheet_hbond.range_2_label_atom_id 
_pdbx_struct_sheet_hbond.range_2_label_comp_id 
_pdbx_struct_sheet_hbond.range_2_label_asym_id 
_pdbx_struct_sheet_hbond.range_2_label_seq_id 
_pdbx_struct_sheet_hbond.range_2_PDB_ins_code 
_pdbx_struct_sheet_hbond.range_2_auth_atom_id 
_pdbx_struct_sheet_hbond.range_2_auth_comp_id 
_pdbx_struct_sheet_hbond.range_2_auth_asym_id 
_pdbx_struct_sheet_hbond.range_2_auth_seq_id 
A 1 2 N ARG A 3  ? N ARG A 3  O LEU A 52 ? O LEU A 52 
A 2 3 O TYR A 48 ? O TYR A 48 N SER A 36 ? N SER A 36 
B 1 2 N GLN A 9  ? N GLN A 9  O CYS A 13 ? O CYS A 13 
# 
loop_
_struct_site.id 
_struct_site.pdbx_evidence_code 
_struct_site.pdbx_auth_asym_id 
_struct_site.pdbx_auth_comp_id 
_struct_site.pdbx_auth_seq_id 
_struct_site.pdbx_auth_ins_code 
_struct_site.pdbx_num_residues 
_struct_site.details 
AC1 Software A CL  105 ? 2 'BINDING SITE FOR RESIDUE CL A 105'  
AC2 Software A ACY 101 ? 7 'BINDING SITE FOR RESIDUE ACY A 101' 
# 
loop_
_struct_site_gen.id 
_struct_site_gen.site_id 
_struct_site_gen.pdbx_num_res 
_struct_site_gen.label_comp_id 
_struct_site_gen.label_asym_id 
_struct_site_gen.label_seq_id 
_struct_site_gen.pdbx_auth_ins_code 
_struct_site_gen.auth_comp_id 
_struct_site_gen.auth_asym_id 
_struct_site_gen.auth_seq_id 
_struct_site_gen.label_atom_id 
_struct_site_gen.label_alt_id 
_struct_site_gen.symmetry 
_struct_site_gen.details 
1 AC1 2 ALA A 8  ? ALA A 8   . ? 1_555 ? 
2 AC1 2 TYR A 15 ? TYR A 15  . ? 1_555 ? 
3 AC2 7 CYS A 13 ? CYS A 13  . ? 1_555 ? 
4 AC2 7 VAL A 14 ? VAL A 14  . ? 1_555 ? 
5 AC2 7 HIS A 16 ? HIS A 16  . ? 1_555 ? 
6 AC2 7 LYS A 50 ? LYS A 50  . ? 4_455 ? 
7 AC2 7 ARG A 59 ? ARG A 59  . ? 1_555 ? 
8 AC2 7 CYS A 64 ? CYS A 64  . ? 1_555 ? 
9 AC2 7 HOH D .  ? HOH A 142 . ? 1_555 ? 
# 
_pdbx_entry_details.entry_id                   1OMY 
_pdbx_entry_details.compound_details           ? 
_pdbx_entry_details.source_details             ? 
_pdbx_entry_details.nonpolymer_details         ? 
_pdbx_entry_details.sequence_details           ? 
_pdbx_entry_details.has_ligand_of_interest     ? 
_pdbx_entry_details.has_protein_modification   Y 
# 
_pdbx_validate_torsion.id              1 
_pdbx_validate_torsion.PDB_model_num   1 
_pdbx_validate_torsion.auth_comp_id    CYS 
_pdbx_validate_torsion.auth_asym_id    A 
_pdbx_validate_torsion.auth_seq_id     37 
_pdbx_validate_torsion.PDB_ins_code    ? 
_pdbx_validate_torsion.label_alt_id    ? 
_pdbx_validate_torsion.phi             -117.23 
_pdbx_validate_torsion.psi             78.23 
# 
_pdbx_unobs_or_zero_occ_residues.id               1 
_pdbx_unobs_or_zero_occ_residues.PDB_model_num    1 
_pdbx_unobs_or_zero_occ_residues.polymer_flag     Y 
_pdbx_unobs_or_zero_occ_residues.occupancy_flag   1 
_pdbx_unobs_or_zero_occ_residues.auth_asym_id     A 
_pdbx_unobs_or_zero_occ_residues.auth_comp_id     MET 
_pdbx_unobs_or_zero_occ_residues.auth_seq_id      1 
_pdbx_unobs_or_zero_occ_residues.PDB_ins_code     ? 
_pdbx_unobs_or_zero_occ_residues.label_asym_id    A 
_pdbx_unobs_or_zero_occ_residues.label_comp_id    MET 
_pdbx_unobs_or_zero_occ_residues.label_seq_id     1 
# 
loop_
_chem_comp_atom.comp_id 
_chem_comp_atom.atom_id 
_chem_comp_atom.type_symbol 
_chem_comp_atom.pdbx_aromatic_flag 
_chem_comp_atom.pdbx_stereo_config 
_chem_comp_atom.pdbx_ordinal 
ACY C    C  N N 1   
ACY O    O  N N 2   
ACY OXT  O  N N 3   
ACY CH3  C  N N 4   
ACY HXT  H  N N 5   
ACY H1   H  N N 6   
ACY H2   H  N N 7   
ACY H3   H  N N 8   
ALA N    N  N N 9   
ALA CA   C  N S 10  
ALA C    C  N N 11  
ALA O    O  N N 12  
ALA CB   C  N N 13  
ALA OXT  O  N N 14  
ALA H    H  N N 15  
ALA H2   H  N N 16  
ALA HA   H  N N 17  
ALA HB1  H  N N 18  
ALA HB2  H  N N 19  
ALA HB3  H  N N 20  
ALA HXT  H  N N 21  
ARG N    N  N N 22  
ARG CA   C  N S 23  
ARG C    C  N N 24  
ARG O    O  N N 25  
ARG CB   C  N N 26  
ARG CG   C  N N 27  
ARG CD   C  N N 28  
ARG NE   N  N N 29  
ARG CZ   C  N N 30  
ARG NH1  N  N N 31  
ARG NH2  N  N N 32  
ARG OXT  O  N N 33  
ARG H    H  N N 34  
ARG H2   H  N N 35  
ARG HA   H  N N 36  
ARG HB2  H  N N 37  
ARG HB3  H  N N 38  
ARG HG2  H  N N 39  
ARG HG3  H  N N 40  
ARG HD2  H  N N 41  
ARG HD3  H  N N 42  
ARG HE   H  N N 43  
ARG HH11 H  N N 44  
ARG HH12 H  N N 45  
ARG HH21 H  N N 46  
ARG HH22 H  N N 47  
ARG HXT  H  N N 48  
ASN N    N  N N 49  
ASN CA   C  N S 50  
ASN C    C  N N 51  
ASN O    O  N N 52  
ASN CB   C  N N 53  
ASN CG   C  N N 54  
ASN OD1  O  N N 55  
ASN ND2  N  N N 56  
ASN OXT  O  N N 57  
ASN H    H  N N 58  
ASN H2   H  N N 59  
ASN HA   H  N N 60  
ASN HB2  H  N N 61  
ASN HB3  H  N N 62  
ASN HD21 H  N N 63  
ASN HD22 H  N N 64  
ASN HXT  H  N N 65  
ASP N    N  N N 66  
ASP CA   C  N S 67  
ASP C    C  N N 68  
ASP O    O  N N 69  
ASP CB   C  N N 70  
ASP CG   C  N N 71  
ASP OD1  O  N N 72  
ASP OD2  O  N N 73  
ASP OXT  O  N N 74  
ASP H    H  N N 75  
ASP H2   H  N N 76  
ASP HA   H  N N 77  
ASP HB2  H  N N 78  
ASP HB3  H  N N 79  
ASP HD2  H  N N 80  
ASP HXT  H  N N 81  
CL  CL   CL N N 82  
CYS N    N  N N 83  
CYS CA   C  N R 84  
CYS C    C  N N 85  
CYS O    O  N N 86  
CYS CB   C  N N 87  
CYS SG   S  N N 88  
CYS OXT  O  N N 89  
CYS H    H  N N 90  
CYS H2   H  N N 91  
CYS HA   H  N N 92  
CYS HB2  H  N N 93  
CYS HB3  H  N N 94  
CYS HG   H  N N 95  
CYS HXT  H  N N 96  
GLN N    N  N N 97  
GLN CA   C  N S 98  
GLN C    C  N N 99  
GLN O    O  N N 100 
GLN CB   C  N N 101 
GLN CG   C  N N 102 
GLN CD   C  N N 103 
GLN OE1  O  N N 104 
GLN NE2  N  N N 105 
GLN OXT  O  N N 106 
GLN H    H  N N 107 
GLN H2   H  N N 108 
GLN HA   H  N N 109 
GLN HB2  H  N N 110 
GLN HB3  H  N N 111 
GLN HG2  H  N N 112 
GLN HG3  H  N N 113 
GLN HE21 H  N N 114 
GLN HE22 H  N N 115 
GLN HXT  H  N N 116 
GLU N    N  N N 117 
GLU CA   C  N S 118 
GLU C    C  N N 119 
GLU O    O  N N 120 
GLU CB   C  N N 121 
GLU CG   C  N N 122 
GLU CD   C  N N 123 
GLU OE1  O  N N 124 
GLU OE2  O  N N 125 
GLU OXT  O  N N 126 
GLU H    H  N N 127 
GLU H2   H  N N 128 
GLU HA   H  N N 129 
GLU HB2  H  N N 130 
GLU HB3  H  N N 131 
GLU HG2  H  N N 132 
GLU HG3  H  N N 133 
GLU HE2  H  N N 134 
GLU HXT  H  N N 135 
GLY N    N  N N 136 
GLY CA   C  N N 137 
GLY C    C  N N 138 
GLY O    O  N N 139 
GLY OXT  O  N N 140 
GLY H    H  N N 141 
GLY H2   H  N N 142 
GLY HA2  H  N N 143 
GLY HA3  H  N N 144 
GLY HXT  H  N N 145 
HIS N    N  N N 146 
HIS CA   C  N S 147 
HIS C    C  N N 148 
HIS O    O  N N 149 
HIS CB   C  N N 150 
HIS CG   C  Y N 151 
HIS ND1  N  Y N 152 
HIS CD2  C  Y N 153 
HIS CE1  C  Y N 154 
HIS NE2  N  Y N 155 
HIS OXT  O  N N 156 
HIS H    H  N N 157 
HIS H2   H  N N 158 
HIS HA   H  N N 159 
HIS HB2  H  N N 160 
HIS HB3  H  N N 161 
HIS HD1  H  N N 162 
HIS HD2  H  N N 163 
HIS HE1  H  N N 164 
HIS HE2  H  N N 165 
HIS HXT  H  N N 166 
HOH O    O  N N 167 
HOH H1   H  N N 168 
HOH H2   H  N N 169 
ILE N    N  N N 170 
ILE CA   C  N S 171 
ILE C    C  N N 172 
ILE O    O  N N 173 
ILE CB   C  N S 174 
ILE CG1  C  N N 175 
ILE CG2  C  N N 176 
ILE CD1  C  N N 177 
ILE OXT  O  N N 178 
ILE H    H  N N 179 
ILE H2   H  N N 180 
ILE HA   H  N N 181 
ILE HB   H  N N 182 
ILE HG12 H  N N 183 
ILE HG13 H  N N 184 
ILE HG21 H  N N 185 
ILE HG22 H  N N 186 
ILE HG23 H  N N 187 
ILE HD11 H  N N 188 
ILE HD12 H  N N 189 
ILE HD13 H  N N 190 
ILE HXT  H  N N 191 
LEU N    N  N N 192 
LEU CA   C  N S 193 
LEU C    C  N N 194 
LEU O    O  N N 195 
LEU CB   C  N N 196 
LEU CG   C  N N 197 
LEU CD1  C  N N 198 
LEU CD2  C  N N 199 
LEU OXT  O  N N 200 
LEU H    H  N N 201 
LEU H2   H  N N 202 
LEU HA   H  N N 203 
LEU HB2  H  N N 204 
LEU HB3  H  N N 205 
LEU HG   H  N N 206 
LEU HD11 H  N N 207 
LEU HD12 H  N N 208 
LEU HD13 H  N N 209 
LEU HD21 H  N N 210 
LEU HD22 H  N N 211 
LEU HD23 H  N N 212 
LEU HXT  H  N N 213 
LYS N    N  N N 214 
LYS CA   C  N S 215 
LYS C    C  N N 216 
LYS O    O  N N 217 
LYS CB   C  N N 218 
LYS CG   C  N N 219 
LYS CD   C  N N 220 
LYS CE   C  N N 221 
LYS NZ   N  N N 222 
LYS OXT  O  N N 223 
LYS H    H  N N 224 
LYS H2   H  N N 225 
LYS HA   H  N N 226 
LYS HB2  H  N N 227 
LYS HB3  H  N N 228 
LYS HG2  H  N N 229 
LYS HG3  H  N N 230 
LYS HD2  H  N N 231 
LYS HD3  H  N N 232 
LYS HE2  H  N N 233 
LYS HE3  H  N N 234 
LYS HZ1  H  N N 235 
LYS HZ2  H  N N 236 
LYS HZ3  H  N N 237 
LYS HXT  H  N N 238 
MET N    N  N N 239 
MET CA   C  N S 240 
MET C    C  N N 241 
MET O    O  N N 242 
MET CB   C  N N 243 
MET CG   C  N N 244 
MET SD   S  N N 245 
MET CE   C  N N 246 
MET OXT  O  N N 247 
MET H    H  N N 248 
MET H2   H  N N 249 
MET HA   H  N N 250 
MET HB2  H  N N 251 
MET HB3  H  N N 252 
MET HG2  H  N N 253 
MET HG3  H  N N 254 
MET HE1  H  N N 255 
MET HE2  H  N N 256 
MET HE3  H  N N 257 
MET HXT  H  N N 258 
PHE N    N  N N 259 
PHE CA   C  N S 260 
PHE C    C  N N 261 
PHE O    O  N N 262 
PHE CB   C  N N 263 
PHE CG   C  Y N 264 
PHE CD1  C  Y N 265 
PHE CD2  C  Y N 266 
PHE CE1  C  Y N 267 
PHE CE2  C  Y N 268 
PHE CZ   C  Y N 269 
PHE OXT  O  N N 270 
PHE H    H  N N 271 
PHE H2   H  N N 272 
PHE HA   H  N N 273 
PHE HB2  H  N N 274 
PHE HB3  H  N N 275 
PHE HD1  H  N N 276 
PHE HD2  H  N N 277 
PHE HE1  H  N N 278 
PHE HE2  H  N N 279 
PHE HZ   H  N N 280 
PHE HXT  H  N N 281 
PRO N    N  N N 282 
PRO CA   C  N S 283 
PRO C    C  N N 284 
PRO O    O  N N 285 
PRO CB   C  N N 286 
PRO CG   C  N N 287 
PRO CD   C  N N 288 
PRO OXT  O  N N 289 
PRO H    H  N N 290 
PRO HA   H  N N 291 
PRO HB2  H  N N 292 
PRO HB3  H  N N 293 
PRO HG2  H  N N 294 
PRO HG3  H  N N 295 
PRO HD2  H  N N 296 
PRO HD3  H  N N 297 
PRO HXT  H  N N 298 
SER N    N  N N 299 
SER CA   C  N S 300 
SER C    C  N N 301 
SER O    O  N N 302 
SER CB   C  N N 303 
SER OG   O  N N 304 
SER OXT  O  N N 305 
SER H    H  N N 306 
SER H2   H  N N 307 
SER HA   H  N N 308 
SER HB2  H  N N 309 
SER HB3  H  N N 310 
SER HG   H  N N 311 
SER HXT  H  N N 312 
THR N    N  N N 313 
THR CA   C  N S 314 
THR C    C  N N 315 
THR O    O  N N 316 
THR CB   C  N R 317 
THR OG1  O  N N 318 
THR CG2  C  N N 319 
THR OXT  O  N N 320 
THR H    H  N N 321 
THR H2   H  N N 322 
THR HA   H  N N 323 
THR HB   H  N N 324 
THR HG1  H  N N 325 
THR HG21 H  N N 326 
THR HG22 H  N N 327 
THR HG23 H  N N 328 
THR HXT  H  N N 329 
TYR N    N  N N 330 
TYR CA   C  N S 331 
TYR C    C  N N 332 
TYR O    O  N N 333 
TYR CB   C  N N 334 
TYR CG   C  Y N 335 
TYR CD1  C  Y N 336 
TYR CD2  C  Y N 337 
TYR CE1  C  Y N 338 
TYR CE2  C  Y N 339 
TYR CZ   C  Y N 340 
TYR OH   O  N N 341 
TYR OXT  O  N N 342 
TYR H    H  N N 343 
TYR H2   H  N N 344 
TYR HA   H  N N 345 
TYR HB2  H  N N 346 
TYR HB3  H  N N 347 
TYR HD1  H  N N 348 
TYR HD2  H  N N 349 
TYR HE1  H  N N 350 
TYR HE2  H  N N 351 
TYR HH   H  N N 352 
TYR HXT  H  N N 353 
VAL N    N  N N 354 
VAL CA   C  N S 355 
VAL C    C  N N 356 
VAL O    O  N N 357 
VAL CB   C  N N 358 
VAL CG1  C  N N 359 
VAL CG2  C  N N 360 
VAL OXT  O  N N 361 
VAL H    H  N N 362 
VAL H2   H  N N 363 
VAL HA   H  N N 364 
VAL HB   H  N N 365 
VAL HG11 H  N N 366 
VAL HG12 H  N N 367 
VAL HG13 H  N N 368 
VAL HG21 H  N N 369 
VAL HG22 H  N N 370 
VAL HG23 H  N N 371 
VAL HXT  H  N N 372 
# 
loop_
_chem_comp_bond.comp_id 
_chem_comp_bond.atom_id_1 
_chem_comp_bond.atom_id_2 
_chem_comp_bond.value_order 
_chem_comp_bond.pdbx_aromatic_flag 
_chem_comp_bond.pdbx_stereo_config 
_chem_comp_bond.pdbx_ordinal 
ACY C   O    doub N N 1   
ACY C   OXT  sing N N 2   
ACY C   CH3  sing N N 3   
ACY OXT HXT  sing N N 4   
ACY CH3 H1   sing N N 5   
ACY CH3 H2   sing N N 6   
ACY CH3 H3   sing N N 7   
ALA N   CA   sing N N 8   
ALA N   H    sing N N 9   
ALA N   H2   sing N N 10  
ALA CA  C    sing N N 11  
ALA CA  CB   sing N N 12  
ALA CA  HA   sing N N 13  
ALA C   O    doub N N 14  
ALA C   OXT  sing N N 15  
ALA CB  HB1  sing N N 16  
ALA CB  HB2  sing N N 17  
ALA CB  HB3  sing N N 18  
ALA OXT HXT  sing N N 19  
ARG N   CA   sing N N 20  
ARG N   H    sing N N 21  
ARG N   H2   sing N N 22  
ARG CA  C    sing N N 23  
ARG CA  CB   sing N N 24  
ARG CA  HA   sing N N 25  
ARG C   O    doub N N 26  
ARG C   OXT  sing N N 27  
ARG CB  CG   sing N N 28  
ARG CB  HB2  sing N N 29  
ARG CB  HB3  sing N N 30  
ARG CG  CD   sing N N 31  
ARG CG  HG2  sing N N 32  
ARG CG  HG3  sing N N 33  
ARG CD  NE   sing N N 34  
ARG CD  HD2  sing N N 35  
ARG CD  HD3  sing N N 36  
ARG NE  CZ   sing N N 37  
ARG NE  HE   sing N N 38  
ARG CZ  NH1  sing N N 39  
ARG CZ  NH2  doub N N 40  
ARG NH1 HH11 sing N N 41  
ARG NH1 HH12 sing N N 42  
ARG NH2 HH21 sing N N 43  
ARG NH2 HH22 sing N N 44  
ARG OXT HXT  sing N N 45  
ASN N   CA   sing N N 46  
ASN N   H    sing N N 47  
ASN N   H2   sing N N 48  
ASN CA  C    sing N N 49  
ASN CA  CB   sing N N 50  
ASN CA  HA   sing N N 51  
ASN C   O    doub N N 52  
ASN C   OXT  sing N N 53  
ASN CB  CG   sing N N 54  
ASN CB  HB2  sing N N 55  
ASN CB  HB3  sing N N 56  
ASN CG  OD1  doub N N 57  
ASN CG  ND2  sing N N 58  
ASN ND2 HD21 sing N N 59  
ASN ND2 HD22 sing N N 60  
ASN OXT HXT  sing N N 61  
ASP N   CA   sing N N 62  
ASP N   H    sing N N 63  
ASP N   H2   sing N N 64  
ASP CA  C    sing N N 65  
ASP CA  CB   sing N N 66  
ASP CA  HA   sing N N 67  
ASP C   O    doub N N 68  
ASP C   OXT  sing N N 69  
ASP CB  CG   sing N N 70  
ASP CB  HB2  sing N N 71  
ASP CB  HB3  sing N N 72  
ASP CG  OD1  doub N N 73  
ASP CG  OD2  sing N N 74  
ASP OD2 HD2  sing N N 75  
ASP OXT HXT  sing N N 76  
CYS N   CA   sing N N 77  
CYS N   H    sing N N 78  
CYS N   H2   sing N N 79  
CYS CA  C    sing N N 80  
CYS CA  CB   sing N N 81  
CYS CA  HA   sing N N 82  
CYS C   O    doub N N 83  
CYS C   OXT  sing N N 84  
CYS CB  SG   sing N N 85  
CYS CB  HB2  sing N N 86  
CYS CB  HB3  sing N N 87  
CYS SG  HG   sing N N 88  
CYS OXT HXT  sing N N 89  
GLN N   CA   sing N N 90  
GLN N   H    sing N N 91  
GLN N   H2   sing N N 92  
GLN CA  C    sing N N 93  
GLN CA  CB   sing N N 94  
GLN CA  HA   sing N N 95  
GLN C   O    doub N N 96  
GLN C   OXT  sing N N 97  
GLN CB  CG   sing N N 98  
GLN CB  HB2  sing N N 99  
GLN CB  HB3  sing N N 100 
GLN CG  CD   sing N N 101 
GLN CG  HG2  sing N N 102 
GLN CG  HG3  sing N N 103 
GLN CD  OE1  doub N N 104 
GLN CD  NE2  sing N N 105 
GLN NE2 HE21 sing N N 106 
GLN NE2 HE22 sing N N 107 
GLN OXT HXT  sing N N 108 
GLU N   CA   sing N N 109 
GLU N   H    sing N N 110 
GLU N   H2   sing N N 111 
GLU CA  C    sing N N 112 
GLU CA  CB   sing N N 113 
GLU CA  HA   sing N N 114 
GLU C   O    doub N N 115 
GLU C   OXT  sing N N 116 
GLU CB  CG   sing N N 117 
GLU CB  HB2  sing N N 118 
GLU CB  HB3  sing N N 119 
GLU CG  CD   sing N N 120 
GLU CG  HG2  sing N N 121 
GLU CG  HG3  sing N N 122 
GLU CD  OE1  doub N N 123 
GLU CD  OE2  sing N N 124 
GLU OE2 HE2  sing N N 125 
GLU OXT HXT  sing N N 126 
GLY N   CA   sing N N 127 
GLY N   H    sing N N 128 
GLY N   H2   sing N N 129 
GLY CA  C    sing N N 130 
GLY CA  HA2  sing N N 131 
GLY CA  HA3  sing N N 132 
GLY C   O    doub N N 133 
GLY C   OXT  sing N N 134 
GLY OXT HXT  sing N N 135 
HIS N   CA   sing N N 136 
HIS N   H    sing N N 137 
HIS N   H2   sing N N 138 
HIS CA  C    sing N N 139 
HIS CA  CB   sing N N 140 
HIS CA  HA   sing N N 141 
HIS C   O    doub N N 142 
HIS C   OXT  sing N N 143 
HIS CB  CG   sing N N 144 
HIS CB  HB2  sing N N 145 
HIS CB  HB3  sing N N 146 
HIS CG  ND1  sing Y N 147 
HIS CG  CD2  doub Y N 148 
HIS ND1 CE1  doub Y N 149 
HIS ND1 HD1  sing N N 150 
HIS CD2 NE2  sing Y N 151 
HIS CD2 HD2  sing N N 152 
HIS CE1 NE2  sing Y N 153 
HIS CE1 HE1  sing N N 154 
HIS NE2 HE2  sing N N 155 
HIS OXT HXT  sing N N 156 
HOH O   H1   sing N N 157 
HOH O   H2   sing N N 158 
ILE N   CA   sing N N 159 
ILE N   H    sing N N 160 
ILE N   H2   sing N N 161 
ILE CA  C    sing N N 162 
ILE CA  CB   sing N N 163 
ILE CA  HA   sing N N 164 
ILE C   O    doub N N 165 
ILE C   OXT  sing N N 166 
ILE CB  CG1  sing N N 167 
ILE CB  CG2  sing N N 168 
ILE CB  HB   sing N N 169 
ILE CG1 CD1  sing N N 170 
ILE CG1 HG12 sing N N 171 
ILE CG1 HG13 sing N N 172 
ILE CG2 HG21 sing N N 173 
ILE CG2 HG22 sing N N 174 
ILE CG2 HG23 sing N N 175 
ILE CD1 HD11 sing N N 176 
ILE CD1 HD12 sing N N 177 
ILE CD1 HD13 sing N N 178 
ILE OXT HXT  sing N N 179 
LEU N   CA   sing N N 180 
LEU N   H    sing N N 181 
LEU N   H2   sing N N 182 
LEU CA  C    sing N N 183 
LEU CA  CB   sing N N 184 
LEU CA  HA   sing N N 185 
LEU C   O    doub N N 186 
LEU C   OXT  sing N N 187 
LEU CB  CG   sing N N 188 
LEU CB  HB2  sing N N 189 
LEU CB  HB3  sing N N 190 
LEU CG  CD1  sing N N 191 
LEU CG  CD2  sing N N 192 
LEU CG  HG   sing N N 193 
LEU CD1 HD11 sing N N 194 
LEU CD1 HD12 sing N N 195 
LEU CD1 HD13 sing N N 196 
LEU CD2 HD21 sing N N 197 
LEU CD2 HD22 sing N N 198 
LEU CD2 HD23 sing N N 199 
LEU OXT HXT  sing N N 200 
LYS N   CA   sing N N 201 
LYS N   H    sing N N 202 
LYS N   H2   sing N N 203 
LYS CA  C    sing N N 204 
LYS CA  CB   sing N N 205 
LYS CA  HA   sing N N 206 
LYS C   O    doub N N 207 
LYS C   OXT  sing N N 208 
LYS CB  CG   sing N N 209 
LYS CB  HB2  sing N N 210 
LYS CB  HB3  sing N N 211 
LYS CG  CD   sing N N 212 
LYS CG  HG2  sing N N 213 
LYS CG  HG3  sing N N 214 
LYS CD  CE   sing N N 215 
LYS CD  HD2  sing N N 216 
LYS CD  HD3  sing N N 217 
LYS CE  NZ   sing N N 218 
LYS CE  HE2  sing N N 219 
LYS CE  HE3  sing N N 220 
LYS NZ  HZ1  sing N N 221 
LYS NZ  HZ2  sing N N 222 
LYS NZ  HZ3  sing N N 223 
LYS OXT HXT  sing N N 224 
MET N   CA   sing N N 225 
MET N   H    sing N N 226 
MET N   H2   sing N N 227 
MET CA  C    sing N N 228 
MET CA  CB   sing N N 229 
MET CA  HA   sing N N 230 
MET C   O    doub N N 231 
MET C   OXT  sing N N 232 
MET CB  CG   sing N N 233 
MET CB  HB2  sing N N 234 
MET CB  HB3  sing N N 235 
MET CG  SD   sing N N 236 
MET CG  HG2  sing N N 237 
MET CG  HG3  sing N N 238 
MET SD  CE   sing N N 239 
MET CE  HE1  sing N N 240 
MET CE  HE2  sing N N 241 
MET CE  HE3  sing N N 242 
MET OXT HXT  sing N N 243 
PHE N   CA   sing N N 244 
PHE N   H    sing N N 245 
PHE N   H2   sing N N 246 
PHE CA  C    sing N N 247 
PHE CA  CB   sing N N 248 
PHE CA  HA   sing N N 249 
PHE C   O    doub N N 250 
PHE C   OXT  sing N N 251 
PHE CB  CG   sing N N 252 
PHE CB  HB2  sing N N 253 
PHE CB  HB3  sing N N 254 
PHE CG  CD1  doub Y N 255 
PHE CG  CD2  sing Y N 256 
PHE CD1 CE1  sing Y N 257 
PHE CD1 HD1  sing N N 258 
PHE CD2 CE2  doub Y N 259 
PHE CD2 HD2  sing N N 260 
PHE CE1 CZ   doub Y N 261 
PHE CE1 HE1  sing N N 262 
PHE CE2 CZ   sing Y N 263 
PHE CE2 HE2  sing N N 264 
PHE CZ  HZ   sing N N 265 
PHE OXT HXT  sing N N 266 
PRO N   CA   sing N N 267 
PRO N   CD   sing N N 268 
PRO N   H    sing N N 269 
PRO CA  C    sing N N 270 
PRO CA  CB   sing N N 271 
PRO CA  HA   sing N N 272 
PRO C   O    doub N N 273 
PRO C   OXT  sing N N 274 
PRO CB  CG   sing N N 275 
PRO CB  HB2  sing N N 276 
PRO CB  HB3  sing N N 277 
PRO CG  CD   sing N N 278 
PRO CG  HG2  sing N N 279 
PRO CG  HG3  sing N N 280 
PRO CD  HD2  sing N N 281 
PRO CD  HD3  sing N N 282 
PRO OXT HXT  sing N N 283 
SER N   CA   sing N N 284 
SER N   H    sing N N 285 
SER N   H2   sing N N 286 
SER CA  C    sing N N 287 
SER CA  CB   sing N N 288 
SER CA  HA   sing N N 289 
SER C   O    doub N N 290 
SER C   OXT  sing N N 291 
SER CB  OG   sing N N 292 
SER CB  HB2  sing N N 293 
SER CB  HB3  sing N N 294 
SER OG  HG   sing N N 295 
SER OXT HXT  sing N N 296 
THR N   CA   sing N N 297 
THR N   H    sing N N 298 
THR N   H2   sing N N 299 
THR CA  C    sing N N 300 
THR CA  CB   sing N N 301 
THR CA  HA   sing N N 302 
THR C   O    doub N N 303 
THR C   OXT  sing N N 304 
THR CB  OG1  sing N N 305 
THR CB  CG2  sing N N 306 
THR CB  HB   sing N N 307 
THR OG1 HG1  sing N N 308 
THR CG2 HG21 sing N N 309 
THR CG2 HG22 sing N N 310 
THR CG2 HG23 sing N N 311 
THR OXT HXT  sing N N 312 
TYR N   CA   sing N N 313 
TYR N   H    sing N N 314 
TYR N   H2   sing N N 315 
TYR CA  C    sing N N 316 
TYR CA  CB   sing N N 317 
TYR CA  HA   sing N N 318 
TYR C   O    doub N N 319 
TYR C   OXT  sing N N 320 
TYR CB  CG   sing N N 321 
TYR CB  HB2  sing N N 322 
TYR CB  HB3  sing N N 323 
TYR CG  CD1  doub Y N 324 
TYR CG  CD2  sing Y N 325 
TYR CD1 CE1  sing Y N 326 
TYR CD1 HD1  sing N N 327 
TYR CD2 CE2  doub Y N 328 
TYR CD2 HD2  sing N N 329 
TYR CE1 CZ   doub Y N 330 
TYR CE1 HE1  sing N N 331 
TYR CE2 CZ   sing Y N 332 
TYR CE2 HE2  sing N N 333 
TYR CZ  OH   sing N N 334 
TYR OH  HH   sing N N 335 
TYR OXT HXT  sing N N 336 
VAL N   CA   sing N N 337 
VAL N   H    sing N N 338 
VAL N   H2   sing N N 339 
VAL CA  C    sing N N 340 
VAL CA  CB   sing N N 341 
VAL CA  HA   sing N N 342 
VAL C   O    doub N N 343 
VAL C   OXT  sing N N 344 
VAL CB  CG1  sing N N 345 
VAL CB  CG2  sing N N 346 
VAL CB  HB   sing N N 347 
VAL CG1 HG11 sing N N 348 
VAL CG1 HG12 sing N N 349 
VAL CG1 HG13 sing N N 350 
VAL CG2 HG21 sing N N 351 
VAL CG2 HG22 sing N N 352 
VAL CG2 HG23 sing N N 353 
VAL OXT HXT  sing N N 354 
# 
_pdbx_initial_refinement_model.id               1 
_pdbx_initial_refinement_model.entity_id_list   ? 
_pdbx_initial_refinement_model.type             'experimental model' 
_pdbx_initial_refinement_model.source_name      PDB 
_pdbx_initial_refinement_model.accession_code   1SN1 
_pdbx_initial_refinement_model.details          ? 
# 
_atom_sites.entry_id                    1OMY 
_atom_sites.fract_transf_matrix[1][1]   0.02027648 
_atom_sites.fract_transf_matrix[1][2]   -0.01194845 
_atom_sites.fract_transf_matrix[1][3]   -0.02322911 
_atom_sites.fract_transf_matrix[2][1]   0.01644054 
_atom_sites.fract_transf_matrix[2][2]   -0.00999984 
_atom_sites.fract_transf_matrix[2][3]   0.01949445 
_atom_sites.fract_transf_matrix[3][1]   -0.00899772 
_atom_sites.fract_transf_matrix[3][2]   -0.01503135 
_atom_sites.fract_transf_matrix[3][3]   -0.00012228 
_atom_sites.fract_transf_vector[1]      0.726091 
_atom_sites.fract_transf_vector[2]      0.108030 
_atom_sites.fract_transf_vector[3]      0.064543 
# 
loop_
_atom_type.symbol 
C  
CL 
N  
O  
S  
# 
loop_
_atom_site.group_PDB 
_atom_site.id 
_atom_site.type_symbol 
_atom_site.label_atom_id 
_atom_site.label_alt_id 
_atom_site.label_comp_id 
_atom_site.label_asym_id 
_atom_site.label_entity_id 
_atom_site.label_seq_id 
_atom_site.pdbx_PDB_ins_code 
_atom_site.Cartn_x 
_atom_site.Cartn_y 
_atom_site.Cartn_z 
_atom_site.occupancy 
_atom_site.B_iso_or_equiv 
_atom_site.pdbx_formal_charge 
_atom_site.auth_seq_id 
_atom_site.auth_comp_id 
_atom_site.auth_asym_id 
_atom_site.auth_atom_id 
_atom_site.pdbx_PDB_model_num 
ATOM   1   N  N   . VAL A 1 2  ? -1.068  -4.698  -14.073 1.00 41.69 ? 2   VAL A N   1 
ATOM   2   C  CA  . VAL A 1 2  ? -0.785  -5.041  -12.649 1.00 41.06 ? 2   VAL A CA  1 
ATOM   3   C  C   . VAL A 1 2  ? 0.602   -4.537  -12.239 1.00 39.15 ? 2   VAL A C   1 
ATOM   4   O  O   . VAL A 1 2  ? 1.473   -4.334  -13.087 1.00 40.45 ? 2   VAL A O   1 
ATOM   5   C  CB  . VAL A 1 2  ? -0.868  -6.565  -12.432 1.00 42.75 ? 2   VAL A CB  1 
ATOM   6   C  CG1 . VAL A 1 2  ? -0.719  -6.889  -10.963 1.00 43.53 ? 2   VAL A CG1 1 
ATOM   7   C  CG2 . VAL A 1 2  ? -2.200  -7.090  -12.954 1.00 44.12 ? 2   VAL A CG2 1 
ATOM   8   N  N   . ARG A 1 3  ? 0.806   -4.342  -10.938 1.00 35.36 ? 3   ARG A N   1 
ATOM   9   C  CA  . ARG A 1 3  ? 2.079   -3.836  -10.431 1.00 29.63 ? 3   ARG A CA  1 
ATOM   10  C  C   . ARG A 1 3  ? 2.125   -3.984  -8.913  1.00 24.18 ? 3   ARG A C   1 
ATOM   11  O  O   . ARG A 1 3  ? 1.118   -4.308  -8.288  1.00 21.80 ? 3   ARG A O   1 
ATOM   12  C  CB  . ARG A 1 3  ? 2.201   -2.356  -10.783 1.00 32.25 ? 3   ARG A CB  1 
ATOM   13  C  CG  . ARG A 1 3  ? 1.197   -1.508  -10.019 1.00 35.65 ? 3   ARG A CG  1 
ATOM   14  C  CD  . ARG A 1 3  ? 0.566   -0.428  -10.873 1.00 40.60 ? 3   ARG A CD  1 
ATOM   15  N  NE  . ARG A 1 3  ? -0.547  0.201   -10.166 1.00 44.66 ? 3   ARG A NE  1 
ATOM   16  C  CZ  . ARG A 1 3  ? -1.317  1.159   -10.672 1.00 46.13 ? 3   ARG A CZ  1 
ATOM   17  N  NH1 . ARG A 1 3  ? -1.099  1.611   -11.897 1.00 47.16 ? 3   ARG A NH1 1 
ATOM   18  N  NH2 . ARG A 1 3  ? -2.310  1.661   -9.950  1.00 47.38 ? 3   ARG A NH2 1 
ATOM   19  N  N   . ASP A 1 4  ? 3.294   -3.744  -8.322  1.00 19.86 ? 4   ASP A N   1 
ATOM   20  C  CA  . ASP A 1 4  ? 3.445   -3.814  -6.865  1.00 16.20 ? 4   ASP A CA  1 
ATOM   21  C  C   . ASP A 1 4  ? 3.644   -2.372  -6.412  1.00 16.18 ? 4   ASP A C   1 
ATOM   22  O  O   . ASP A 1 4  ? 4.409   -1.631  -7.029  1.00 17.47 ? 4   ASP A O   1 
ATOM   23  C  CB  . ASP A 1 4  ? 4.682   -4.624  -6.456  1.00 14.79 ? 4   ASP A CB  1 
ATOM   24  C  CG  . ASP A 1 4  ? 4.695   -6.025  -7.033  1.00 13.13 ? 4   ASP A CG  1 
ATOM   25  O  OD1 . ASP A 1 4  ? 3.632   -6.533  -7.432  1.00 11.66 ? 4   ASP A OD1 1 
ATOM   26  O  OD2 . ASP A 1 4  ? 5.787   -6.627  -7.063  1.00 16.41 ? 4   ASP A OD2 1 
ATOM   27  N  N   . ALA A 1 5  ? 2.983   -1.964  -5.337  1.00 14.47 ? 5   ALA A N   1 
ATOM   28  C  CA  . ALA A 1 5  ? 3.129   -0.587  -4.883  1.00 13.81 ? 5   ALA A CA  1 
ATOM   29  C  C   . ALA A 1 5  ? 2.500   -0.301  -3.530  1.00 11.78 ? 5   ALA A C   1 
ATOM   30  O  O   . ALA A 1 5  ? 1.760   -1.117  -2.985  1.00 11.75 ? 5   ALA A O   1 
ATOM   31  C  CB  . ALA A 1 5  ? 2.534   0.356   -5.921  1.00 15.19 ? 5   ALA A CB  1 
ATOM   32  N  N   . TYR A 1 6  ? 2.817   0.873   -2.995  1.00 10.45 ? 6   TYR A N   1 
ATOM   33  C  CA  . TYR A 1 6  ? 2.262   1.318   -1.725  1.00 11.16 ? 6   TYR A CA  1 
ATOM   34  C  C   . TYR A 1 6  ? 0.872   1.843   -2.045  1.00 10.72 ? 6   TYR A C   1 
ATOM   35  O  O   . TYR A 1 6  ? 0.730   2.810   -2.792  1.00 11.37 ? 6   TYR A O   1 
ATOM   36  C  CB  . TYR A 1 6  ? 3.117   2.447   -1.140  1.00 9.73  ? 6   TYR A CB  1 
ATOM   37  C  CG  . TYR A 1 6  ? 4.446   1.980   -0.606  1.00 11.77 ? 6   TYR A CG  1 
ATOM   38  C  CD1 . TYR A 1 6  ? 4.527   1.329   0.625   1.00 13.19 ? 6   TYR A CD1 1 
ATOM   39  C  CD2 . TYR A 1 6  ? 5.625   2.173   -1.334  1.00 11.64 ? 6   TYR A CD2 1 
ATOM   40  C  CE1 . TYR A 1 6  ? 5.746   0.882   1.125   1.00 14.33 ? 6   TYR A CE1 1 
ATOM   41  C  CE2 . TYR A 1 6  ? 6.853   1.724   -0.842  1.00 12.75 ? 6   TYR A CE2 1 
ATOM   42  C  CZ  . TYR A 1 6  ? 6.904   1.080   0.391   1.00 16.76 ? 6   TYR A CZ  1 
ATOM   43  O  OH  . TYR A 1 6  ? 8.106   0.628   0.901   1.00 17.95 ? 6   TYR A OH  1 
ATOM   44  N  N   . ILE A 1 7  ? -0.149  1.198   -1.498  1.00 10.17 ? 7   ILE A N   1 
ATOM   45  C  CA  . ILE A 1 7  ? -1.525  1.612   -1.744  1.00 11.22 ? 7   ILE A CA  1 
ATOM   46  C  C   . ILE A 1 7  ? -1.792  2.946   -1.038  1.00 11.86 ? 7   ILE A C   1 
ATOM   47  O  O   . ILE A 1 7  ? -1.194  3.231   0.002   1.00 12.78 ? 7   ILE A O   1 
ATOM   48  C  CB  . ILE A 1 7  ? -2.501  0.518   -1.256  1.00 10.49 ? 7   ILE A CB  1 
ATOM   49  C  CG1 . ILE A 1 7  ? -3.934  0.879   -1.636  1.00 12.56 ? 7   ILE A CG1 1 
ATOM   50  C  CG2 . ILE A 1 7  ? -2.335  0.302   0.244   1.00 10.05 ? 7   ILE A CG2 1 
ATOM   51  C  CD1 . ILE A 1 7  ? -4.927  -0.267  -1.412  1.00 13.44 ? 7   ILE A CD1 1 
ATOM   52  N  N   . ALA A 1 8  ? -2.678  3.767   -1.598  1.00 11.12 ? 8   ALA A N   1 
ATOM   53  C  CA  . ALA A 1 8  ? -2.963  5.070   -1.003  1.00 12.11 ? 8   ALA A CA  1 
ATOM   54  C  C   . ALA A 1 8  ? -4.425  5.367   -0.703  1.00 13.33 ? 8   ALA A C   1 
ATOM   55  O  O   . ALA A 1 8  ? -5.334  4.763   -1.272  1.00 11.95 ? 8   ALA A O   1 
ATOM   56  C  CB  . ALA A 1 8  ? -2.398  6.180   -1.895  1.00 12.14 ? 8   ALA A CB  1 
ATOM   57  N  N   . GLN A 1 9  ? -4.623  6.318   0.206   1.00 14.67 ? 9   GLN A N   1 
ATOM   58  C  CA  . GLN A 1 9  ? -5.944  6.788   0.614   1.00 14.74 ? 9   GLN A CA  1 
ATOM   59  C  C   . GLN A 1 9  ? -5.924  8.289   0.317   1.00 16.37 ? 9   GLN A C   1 
ATOM   60  O  O   . GLN A 1 9  ? -4.859  8.851   0.073   1.00 16.26 ? 9   GLN A O   1 
ATOM   61  C  CB  . GLN A 1 9  ? -6.155  6.550   2.117   1.00 14.42 ? 9   GLN A CB  1 
ATOM   62  C  CG  . GLN A 1 9  ? -5.213  7.350   3.012   1.00 14.76 ? 9   GLN A CG  1 
ATOM   63  C  CD  . GLN A 1 9  ? -5.397  7.051   4.495   1.00 15.58 ? 9   GLN A CD  1 
ATOM   64  O  OE1 . GLN A 1 9  ? -4.515  6.479   5.139   1.00 16.13 ? 9   GLN A OE1 1 
ATOM   65  N  NE2 . GLN A 1 9  ? -6.543  7.435   5.041   1.00 11.13 ? 9   GLN A NE2 1 
ATOM   66  N  N   . ASN A 1 10 ? -7.082  8.944   0.337   1.00 17.60 ? 10  ASN A N   1 
ATOM   67  C  CA  . ASN A 1 10 ? -7.123  10.383  0.063   1.00 19.99 ? 10  ASN A CA  1 
ATOM   68  C  C   . ASN A 1 10 ? -6.377  11.178  1.136   1.00 19.47 ? 10  ASN A C   1 
ATOM   69  O  O   . ASN A 1 10 ? -6.575  10.939  2.326   1.00 20.08 ? 10  ASN A O   1 
ATOM   70  C  CB  . ASN A 1 10 ? -8.571  10.881  -0.005  1.00 22.74 ? 10  ASN A CB  1 
ATOM   71  C  CG  . ASN A 1 10 ? -9.376  10.197  -1.089  1.00 25.78 ? 10  ASN A CG  1 
ATOM   72  O  OD1 . ASN A 1 10 ? -8.945  10.109  -2.241  1.00 27.71 ? 10  ASN A OD1 1 
ATOM   73  N  ND2 . ASN A 1 10 ? -10.560 9.715   -0.729  1.00 29.30 ? 10  ASN A ND2 1 
ATOM   74  N  N   . TYR A 1 11 ? -5.511  12.108  0.734   1.00 19.08 ? 11  TYR A N   1 
ATOM   75  C  CA  . TYR A 1 11 ? -5.218  12.401  -0.669  1.00 19.21 ? 11  TYR A CA  1 
ATOM   76  C  C   . TYR A 1 11 ? -3.714  12.202  -0.860  1.00 18.49 ? 11  TYR A C   1 
ATOM   77  O  O   . TYR A 1 11 ? -2.906  13.019  -0.409  1.00 16.54 ? 11  TYR A O   1 
ATOM   78  C  CB  . TYR A 1 11 ? -5.608  13.843  -1.005  1.00 23.45 ? 11  TYR A CB  1 
ATOM   79  C  CG  . TYR A 1 11 ? -7.096  14.093  -0.901  1.00 26.91 ? 11  TYR A CG  1 
ATOM   80  C  CD1 . TYR A 1 11 ? -7.965  13.673  -1.908  1.00 29.86 ? 11  TYR A CD1 1 
ATOM   81  C  CD2 . TYR A 1 11 ? -7.643  14.696  0.231   1.00 28.79 ? 11  TYR A CD2 1 
ATOM   82  C  CE1 . TYR A 1 11 ? -9.345  13.841  -1.789  1.00 31.60 ? 11  TYR A CE1 1 
ATOM   83  C  CE2 . TYR A 1 11 ? -9.019  14.869  0.361   1.00 31.45 ? 11  TYR A CE2 1 
ATOM   84  C  CZ  . TYR A 1 11 ? -9.863  14.438  -0.651  1.00 32.02 ? 11  TYR A CZ  1 
ATOM   85  O  OH  . TYR A 1 11 ? -11.226 14.587  -0.516  1.00 33.75 ? 11  TYR A OH  1 
ATOM   86  N  N   . ASN A 1 12 ? -3.358  11.109  -1.528  1.00 15.31 ? 12  ASN A N   1 
ATOM   87  C  CA  . ASN A 1 12 ? -1.966  10.744  -1.771  1.00 14.51 ? 12  ASN A CA  1 
ATOM   88  C  C   . ASN A 1 12 ? -1.264  10.461  -0.442  1.00 12.65 ? 12  ASN A C   1 
ATOM   89  O  O   . ASN A 1 12 ? -0.170  10.965  -0.175  1.00 13.18 ? 12  ASN A O   1 
ATOM   90  C  CB  . ASN A 1 12 ? -1.228  11.845  -2.544  1.00 12.78 ? 12  ASN A CB  1 
ATOM   91  C  CG  . ASN A 1 12 ? 0.104   11.368  -3.096  1.00 15.04 ? 12  ASN A CG  1 
ATOM   92  O  OD1 . ASN A 1 12 ? 0.278   10.179  -3.374  1.00 15.68 ? 12  ASN A OD1 1 
ATOM   93  N  ND2 . ASN A 1 12 ? 1.043   12.290  -3.275  1.00 16.91 ? 12  ASN A ND2 1 
ATOM   94  N  N   . CYS A 1 13 ? -1.914  9.640   0.382   1.00 11.80 ? 13  CYS A N   1 
ATOM   95  C  CA  . CYS A 1 13 ? -1.395  9.245   1.691   1.00 11.81 ? 13  CYS A CA  1 
ATOM   96  C  C   . CYS A 1 13 ? -1.323  7.724   1.744   1.00 11.20 ? 13  CYS A C   1 
ATOM   97  O  O   . CYS A 1 13 ? -2.170  7.046   1.162   1.00 11.75 ? 13  CYS A O   1 
ATOM   98  C  CB  . CYS A 1 13 ? -2.333  9.728   2.804   1.00 13.60 ? 13  CYS A CB  1 
ATOM   99  S  SG  . CYS A 1 13 ? -2.641  11.527  2.819   1.00 14.97 ? 13  CYS A SG  1 
ATOM   100 N  N   . VAL A 1 14 ? -0.322  7.187   2.437   1.00 11.90 ? 14  VAL A N   1 
ATOM   101 C  CA  . VAL A 1 14 ? -0.188  5.735   2.561   1.00 9.76  ? 14  VAL A CA  1 
ATOM   102 C  C   . VAL A 1 14 ? -1.020  5.262   3.752   1.00 10.68 ? 14  VAL A C   1 
ATOM   103 O  O   . VAL A 1 14 ? -1.615  6.069   4.473   1.00 10.66 ? 14  VAL A O   1 
ATOM   104 C  CB  . VAL A 1 14 ? 1.282   5.303   2.818   1.00 11.78 ? 14  VAL A CB  1 
ATOM   105 C  CG1 . VAL A 1 14 ? 2.190   5.821   1.708   1.00 10.83 ? 14  VAL A CG1 1 
ATOM   106 C  CG2 . VAL A 1 14 ? 1.749   5.811   4.176   1.00 9.04  ? 14  VAL A CG2 1 
ATOM   107 N  N   . TYR A 1 15 ? -1.075  3.947   3.935   1.00 8.92  ? 15  TYR A N   1 
ATOM   108 C  CA  . TYR A 1 15 ? -1.775  3.346   5.060   1.00 7.98  ? 15  TYR A CA  1 
ATOM   109 C  C   . TYR A 1 15 ? -0.641  2.924   5.992   1.00 9.99  ? 15  TYR A C   1 
ATOM   110 O  O   . TYR A 1 15 ? 0.111   2.004   5.672   1.00 7.92  ? 15  TYR A O   1 
ATOM   111 C  CB  . TYR A 1 15 ? -2.545  2.101   4.617   1.00 10.50 ? 15  TYR A CB  1 
ATOM   112 C  CG  . TYR A 1 15 ? -3.850  2.364   3.896   1.00 11.32 ? 15  TYR A CG  1 
ATOM   113 C  CD1 . TYR A 1 15 ? -5.069  2.222   4.556   1.00 11.95 ? 15  TYR A CD1 1 
ATOM   114 C  CD2 . TYR A 1 15 ? -3.869  2.696   2.541   1.00 11.06 ? 15  TYR A CD2 1 
ATOM   115 C  CE1 . TYR A 1 15 ? -6.278  2.392   3.886   1.00 13.26 ? 15  TYR A CE1 1 
ATOM   116 C  CE2 . TYR A 1 15 ? -5.075  2.871   1.857   1.00 11.31 ? 15  TYR A CE2 1 
ATOM   117 C  CZ  . TYR A 1 15 ? -6.272  2.713   2.537   1.00 13.37 ? 15  TYR A CZ  1 
ATOM   118 O  OH  . TYR A 1 15 ? -7.468  2.848   1.869   1.00 15.19 ? 15  TYR A OH  1 
ATOM   119 N  N   . HIS A 1 16 ? -0.496  3.594   7.131   1.00 8.22  ? 16  HIS A N   1 
ATOM   120 C  CA  . HIS A 1 16 ? 0.580   3.227   8.043   1.00 10.48 ? 16  HIS A CA  1 
ATOM   121 C  C   . HIS A 1 16 ? 0.281   1.940   8.798   1.00 10.99 ? 16  HIS A C   1 
ATOM   122 O  O   . HIS A 1 16 ? -0.871  1.617   9.077   1.00 11.76 ? 16  HIS A O   1 
ATOM   123 C  CB  . HIS A 1 16 ? 0.894   4.389   8.977   1.00 9.23  ? 16  HIS A CB  1 
ATOM   124 C  CG  . HIS A 1 16 ? 1.653   5.486   8.297   1.00 11.88 ? 16  HIS A CG  1 
ATOM   125 N  ND1 . HIS A 1 16 ? 2.918   5.298   7.780   1.00 12.05 ? 16  HIS A ND1 1 
ATOM   126 C  CD2 . HIS A 1 16 ? 1.304   6.758   7.988   1.00 11.56 ? 16  HIS A CD2 1 
ATOM   127 C  CE1 . HIS A 1 16 ? 3.315   6.407   7.179   1.00 11.84 ? 16  HIS A CE1 1 
ATOM   128 N  NE2 . HIS A 1 16 ? 2.354   7.308   7.290   1.00 13.41 ? 16  HIS A NE2 1 
ATOM   129 N  N   . CYS A 1 17 ? 1.336   1.209   9.132   1.00 11.45 ? 17  CYS A N   1 
ATOM   130 C  CA  . CYS A 1 17 ? 1.170   -0.089  9.766   1.00 11.26 ? 17  CYS A CA  1 
ATOM   131 C  C   . CYS A 1 17 ? 2.331   -0.495  10.655  1.00 12.65 ? 17  CYS A C   1 
ATOM   132 O  O   . CYS A 1 17 ? 3.378   0.153   10.691  1.00 10.48 ? 17  CYS A O   1 
ATOM   133 C  CB  . CYS A 1 17 ? 1.054   -1.142  8.670   1.00 10.51 ? 17  CYS A CB  1 
ATOM   134 S  SG  . CYS A 1 17 ? 2.471   -1.019  7.519   1.00 10.28 ? 17  CYS A SG  1 
ATOM   135 N  N   . ALA A 1 18 ? 2.128   -1.613  11.337  1.00 12.95 ? 18  ALA A N   1 
ATOM   136 C  CA  . ALA A 1 18 ? 3.136   -2.198  12.196  1.00 15.50 ? 18  ALA A CA  1 
ATOM   137 C  C   . ALA A 1 18 ? 3.193   -3.694  11.886  1.00 16.67 ? 18  ALA A C   1 
ATOM   138 O  O   . ALA A 1 18 ? 4.239   -4.324  12.030  1.00 18.16 ? 18  ALA A O   1 
ATOM   139 C  CB  . ALA A 1 18 ? 2.778   -1.972  13.659  1.00 18.01 ? 18  ALA A CB  1 
ATOM   140 N  N   . ARG A 1 19 ? 2.072   -4.253  11.431  1.00 16.21 ? 19  ARG A N   1 
ATOM   141 C  CA  . ARG A 1 19 ? 1.991   -5.687  11.128  1.00 18.13 ? 19  ARG A CA  1 
ATOM   142 C  C   . ARG A 1 19 ? 1.648   -6.044  9.686   1.00 16.04 ? 19  ARG A C   1 
ATOM   143 O  O   . ARG A 1 19 ? 0.843   -5.373  9.036   1.00 13.22 ? 19  ARG A O   1 
ATOM   144 C  CB  . ARG A 1 19 ? 0.955   -6.360  12.031  1.00 19.49 ? 19  ARG A CB  1 
ATOM   145 C  CG  . ARG A 1 19 ? 1.315   -6.432  13.503  1.00 24.22 ? 19  ARG A CG  1 
ATOM   146 C  CD  . ARG A 1 19 ? 0.181   -7.104  14.260  1.00 29.24 ? 19  ARG A CD  1 
ATOM   147 N  NE  . ARG A 1 19 ? -0.136  -8.412  13.690  1.00 31.43 ? 19  ARG A NE  1 
ATOM   148 C  CZ  . ARG A 1 19 ? -1.221  -9.117  13.993  1.00 32.82 ? 19  ARG A CZ  1 
ATOM   149 N  NH1 . ARG A 1 19 ? -2.102  -8.641  14.861  1.00 34.11 ? 19  ARG A NH1 1 
ATOM   150 N  NH2 . ARG A 1 19 ? -1.423  -10.300 13.429  1.00 33.66 ? 19  ARG A NH2 1 
ATOM   151 N  N   . ASP A 1 20 ? 2.247   -7.131  9.206   1.00 14.78 ? 20  ASP A N   1 
ATOM   152 C  CA  . ASP A 1 20 ? 2.011   -7.611  7.852   1.00 14.47 ? 20  ASP A CA  1 
ATOM   153 C  C   . ASP A 1 20 ? 0.569   -8.087  7.674   1.00 14.05 ? 20  ASP A C   1 
ATOM   154 O  O   . ASP A 1 20 ? -0.010  -7.919  6.604   1.00 13.60 ? 20  ASP A O   1 
ATOM   155 C  CB  . ASP A 1 20 ? 2.963   -8.768  7.507   1.00 15.47 ? 20  ASP A CB  1 
ATOM   156 C  CG  . ASP A 1 20 ? 4.431   -8.341  7.458   1.00 17.80 ? 20  ASP A CG  1 
ATOM   157 O  OD1 . ASP A 1 20 ? 4.713   -7.180  7.102   1.00 14.24 ? 20  ASP A OD1 1 
ATOM   158 O  OD2 . ASP A 1 20 ? 5.309   -9.180  7.757   1.00 19.11 ? 20  ASP A OD2 1 
ATOM   159 N  N   . ALA A 1 21 ? -0.007  -8.678  8.719   1.00 12.49 ? 21  ALA A N   1 
ATOM   160 C  CA  . ALA A 1 21 ? -1.379  -9.192  8.653   1.00 12.66 ? 21  ALA A CA  1 
ATOM   161 C  C   . ALA A 1 21 ? -2.407  -8.126  8.282   1.00 11.79 ? 21  ALA A C   1 
ATOM   162 O  O   . ALA A 1 21 ? -3.312  -8.375  7.482   1.00 11.03 ? 21  ALA A O   1 
ATOM   163 C  CB  . ALA A 1 21 ? -1.763  -9.846  9.983   1.00 15.56 ? 21  ALA A CB  1 
ATOM   164 N  N   . TYR A 1 22 ? -2.282  -6.942  8.874   1.00 10.00 ? 22  TYR A N   1 
ATOM   165 C  CA  . TYR A 1 22 ? -3.206  -5.856  8.566   1.00 10.54 ? 22  TYR A CA  1 
ATOM   166 C  C   . TYR A 1 22 ? -3.100  -5.491  7.085   1.00 10.16 ? 22  TYR A C   1 
ATOM   167 O  O   . TYR A 1 22 ? -4.108  -5.342  6.386   1.00 10.73 ? 22  TYR A O   1 
ATOM   168 C  CB  . TYR A 1 22 ? -2.886  -4.620  9.410   1.00 9.93  ? 22  TYR A CB  1 
ATOM   169 C  CG  . TYR A 1 22 ? -3.523  -3.359  8.876   1.00 11.40 ? 22  TYR A CG  1 
ATOM   170 C  CD1 . TYR A 1 22 ? -4.900  -3.151  8.972   1.00 9.50  ? 22  TYR A CD1 1 
ATOM   171 C  CD2 . TYR A 1 22 ? -2.752  -2.391  8.231   1.00 11.99 ? 22  TYR A CD2 1 
ATOM   172 C  CE1 . TYR A 1 22 ? -5.492  -2.007  8.436   1.00 13.99 ? 22  TYR A CE1 1 
ATOM   173 C  CE2 . TYR A 1 22 ? -3.331  -1.252  7.696   1.00 13.47 ? 22  TYR A CE2 1 
ATOM   174 C  CZ  . TYR A 1 22 ? -4.700  -1.063  7.800   1.00 12.85 ? 22  TYR A CZ  1 
ATOM   175 O  OH  . TYR A 1 22 ? -5.268  0.067   7.256   1.00 13.35 ? 22  TYR A OH  1 
ATOM   176 N  N   . CYS A 1 23 ? -1.869  -5.345  6.608   1.00 9.99  ? 23  CYS A N   1 
ATOM   177 C  CA  . CYS A 1 23 ? -1.639  -4.987  5.218   1.00 9.89  ? 23  CYS A CA  1 
ATOM   178 C  C   . CYS A 1 23 ? -2.089  -6.068  4.235   1.00 11.51 ? 23  CYS A C   1 
ATOM   179 O  O   . CYS A 1 23 ? -2.619  -5.754  3.170   1.00 9.74  ? 23  CYS A O   1 
ATOM   180 C  CB  . CYS A 1 23 ? -0.164  -4.675  4.997   1.00 11.47 ? 23  CYS A CB  1 
ATOM   181 S  SG  . CYS A 1 23 ? 0.431   -3.156  5.815   1.00 10.47 ? 23  CYS A SG  1 
ATOM   182 N  N   . ASN A 1 24 ? -1.884  -7.336  4.584   1.00 9.95  ? 24  ASN A N   1 
ATOM   183 C  CA  . ASN A 1 24 ? -2.285  -8.417  3.688   1.00 11.82 ? 24  ASN A CA  1 
ATOM   184 C  C   . ASN A 1 24 ? -3.796  -8.397  3.499   1.00 11.47 ? 24  ASN A C   1 
ATOM   185 O  O   . ASN A 1 24 ? -4.295  -8.563  2.382   1.00 10.63 ? 24  ASN A O   1 
ATOM   186 C  CB  . ASN A 1 24 ? -1.844  -9.778  4.241   1.00 13.32 ? 24  ASN A CB  1 
ATOM   187 C  CG  . ASN A 1 24 ? -2.064  -10.912 3.245   1.00 15.66 ? 24  ASN A CG  1 
ATOM   188 O  OD1 . ASN A 1 24 ? -2.851  -11.830 3.492   1.00 21.19 ? 24  ASN A OD1 1 
ATOM   189 N  ND2 . ASN A 1 24 ? -1.373  -10.850 2.115   1.00 10.93 ? 24  ASN A ND2 1 
ATOM   190 N  N   . GLU A 1 25 ? -4.524  -8.186  4.591   1.00 11.94 ? 25  GLU A N   1 
ATOM   191 C  CA  . GLU A 1 25 ? -5.981  -8.131  4.528   1.00 14.10 ? 25  GLU A CA  1 
ATOM   192 C  C   . GLU A 1 25 ? -6.427  -6.937  3.691   1.00 13.75 ? 25  GLU A C   1 
ATOM   193 O  O   . GLU A 1 25 ? -7.329  -7.051  2.858   1.00 12.88 ? 25  GLU A O   1 
ATOM   194 C  CB  . GLU A 1 25 ? -6.577  -8.018  5.935   1.00 18.67 ? 25  GLU A CB  1 
ATOM   195 C  CG  . GLU A 1 25 ? -8.095  -7.870  5.938   1.00 27.18 ? 25  GLU A CG  1 
ATOM   196 C  CD  . GLU A 1 25 ? -8.685  -7.833  7.336   1.00 31.49 ? 25  GLU A CD  1 
ATOM   197 O  OE1 . GLU A 1 25 ? -8.327  -6.924  8.116   1.00 34.62 ? 25  GLU A OE1 1 
ATOM   198 O  OE2 . GLU A 1 25 ? -9.510  -8.714  7.651   1.00 35.91 ? 25  GLU A OE2 1 
ATOM   199 N  N   . LEU A 1 26 ? -5.784  -5.793  3.920   1.00 14.33 ? 26  LEU A N   1 
ATOM   200 C  CA  . LEU A 1 26 ? -6.099  -4.562  3.197   1.00 12.22 ? 26  LEU A CA  1 
ATOM   201 C  C   . LEU A 1 26 ? -5.844  -4.688  1.700   1.00 12.46 ? 26  LEU A C   1 
ATOM   202 O  O   . LEU A 1 26 ? -6.659  -4.265  0.872   1.00 11.28 ? 26  LEU A O   1 
ATOM   203 C  CB  . LEU A 1 26 ? -5.260  -3.401  3.740   1.00 12.05 ? 26  LEU A CB  1 
ATOM   204 C  CG  . LEU A 1 26 ? -5.302  -2.102  2.930   1.00 13.96 ? 26  LEU A CG  1 
ATOM   205 C  CD1 . LEU A 1 26 ? -6.710  -1.505  2.981   1.00 14.56 ? 26  LEU A CD1 1 
ATOM   206 C  CD2 . LEU A 1 26 ? -4.280  -1.116  3.490   1.00 13.68 ? 26  LEU A CD2 1 
ATOM   207 N  N   . CYS A 1 27 ? -4.695  -5.256  1.358   1.00 10.95 ? 27  CYS A N   1 
ATOM   208 C  CA  . CYS A 1 27 ? -4.319  -5.412  -0.037  1.00 11.22 ? 27  CYS A CA  1 
ATOM   209 C  C   . CYS A 1 27 ? -5.200  -6.417  -0.789  1.00 11.03 ? 27  CYS A C   1 
ATOM   210 O  O   . CYS A 1 27 ? -5.633  -6.147  -1.914  1.00 11.18 ? 27  CYS A O   1 
ATOM   211 C  CB  . CYS A 1 27 ? -2.849  -5.825  -0.130  1.00 10.93 ? 27  CYS A CB  1 
ATOM   212 S  SG  . CYS A 1 27 ? -1.619  -4.538  0.305   1.00 10.84 ? 27  CYS A SG  1 
ATOM   213 N  N   . THR A 1 28 ? -5.467  -7.571  -0.181  1.00 9.84  ? 28  THR A N   1 
ATOM   214 C  CA  . THR A 1 28 ? -6.302  -8.575  -0.840  1.00 11.55 ? 28  THR A CA  1 
ATOM   215 C  C   . THR A 1 28 ? -7.757  -8.120  -0.986  1.00 12.89 ? 28  THR A C   1 
ATOM   216 O  O   . THR A 1 28 ? -8.428  -8.482  -1.953  1.00 13.55 ? 28  THR A O   1 
ATOM   217 C  CB  . THR A 1 28 ? -6.265  -9.934  -0.097  1.00 10.04 ? 28  THR A CB  1 
ATOM   218 O  OG1 . THR A 1 28 ? -6.666  -9.757  1.266   1.00 12.17 ? 28  THR A OG1 1 
ATOM   219 C  CG2 . THR A 1 28 ? -4.860  -10.522 -0.143  1.00 11.92 ? 28  THR A CG2 1 
ATOM   220 N  N   . LYS A 1 29 ? -8.249  -7.332  -0.033  1.00 14.21 ? 29  LYS A N   1 
ATOM   221 C  CA  . LYS A 1 29 ? -9.622  -6.843  -0.125  1.00 16.48 ? 29  LYS A CA  1 
ATOM   222 C  C   . LYS A 1 29 ? -9.721  -5.860  -1.280  1.00 17.00 ? 29  LYS A C   1 
ATOM   223 O  O   . LYS A 1 29 ? -10.817 -5.525  -1.735  1.00 18.39 ? 29  LYS A O   1 
ATOM   224 C  CB  . LYS A 1 29 ? -10.053 -6.160  1.173   1.00 18.04 ? 29  LYS A CB  1 
ATOM   225 C  CG  . LYS A 1 29 ? -10.293 -7.122  2.318   1.00 21.42 ? 29  LYS A CG  1 
ATOM   226 C  CD  . LYS A 1 29 ? -10.930 -6.411  3.503   1.00 25.03 ? 29  LYS A CD  1 
ATOM   227 C  CE  . LYS A 1 29 ? -11.280 -7.397  4.599   1.00 27.90 ? 29  LYS A CE  1 
ATOM   228 N  NZ  . LYS A 1 29 ? -12.116 -8.506  4.066   1.00 29.19 ? 29  LYS A NZ  1 
ATOM   229 N  N   . ASN A 1 30 ? -8.565  -5.403  -1.750  1.00 16.55 ? 30  ASN A N   1 
ATOM   230 C  CA  . ASN A 1 30 ? -8.507  -4.468  -2.864  1.00 16.91 ? 30  ASN A CA  1 
ATOM   231 C  C   . ASN A 1 30 ? -8.085  -5.165  -4.159  1.00 16.83 ? 30  ASN A C   1 
ATOM   232 O  O   . ASN A 1 30 ? -7.707  -4.512  -5.135  1.00 18.59 ? 30  ASN A O   1 
ATOM   233 C  CB  . ASN A 1 30 ? -7.560  -3.313  -2.525  1.00 16.93 ? 30  ASN A CB  1 
ATOM   234 C  CG  . ASN A 1 30 ? -8.243  -2.229  -1.714  1.00 18.68 ? 30  ASN A CG  1 
ATOM   235 O  OD1 . ASN A 1 30 ? -8.992  -1.422  -2.260  1.00 21.08 ? 30  ASN A OD1 1 
ATOM   236 N  ND2 . ASN A 1 30 ? -8.008  -2.216  -0.404  1.00 15.54 ? 30  ASN A ND2 1 
ATOM   237 N  N   . GLY A 1 31 ? -8.148  -6.495  -4.158  1.00 16.58 ? 31  GLY A N   1 
ATOM   238 C  CA  . GLY A 1 31 ? -7.815  -7.262  -5.349  1.00 15.75 ? 31  GLY A CA  1 
ATOM   239 C  C   . GLY A 1 31 ? -6.367  -7.669  -5.570  1.00 16.80 ? 31  GLY A C   1 
ATOM   240 O  O   . GLY A 1 31 ? -6.047  -8.267  -6.602  1.00 16.82 ? 31  GLY A O   1 
ATOM   241 N  N   . ALA A 1 32 ? -5.489  -7.361  -4.621  1.00 13.28 ? 32  ALA A N   1 
ATOM   242 C  CA  . ALA A 1 32 ? -4.082  -7.714  -4.768  1.00 14.10 ? 32  ALA A CA  1 
ATOM   243 C  C   . ALA A 1 32 ? -3.822  -9.169  -4.397  1.00 13.71 ? 32  ALA A C   1 
ATOM   244 O  O   . ALA A 1 32 ? -4.664  -9.829  -3.788  1.00 14.47 ? 32  ALA A O   1 
ATOM   245 C  CB  . ALA A 1 32 ? -3.217  -6.793  -3.906  1.00 13.70 ? 32  ALA A CB  1 
ATOM   246 N  N   . LYS A 1 33 ? -2.649  -9.665  -4.770  1.00 13.63 ? 33  LYS A N   1 
ATOM   247 C  CA  . LYS A 1 33 ? -2.271  -11.040 -4.473  1.00 14.32 ? 33  LYS A CA  1 
ATOM   248 C  C   . LYS A 1 33 ? -1.920  -11.172 -2.993  1.00 15.15 ? 33  LYS A C   1 
ATOM   249 O  O   . LYS A 1 33 ? -2.341  -12.117 -2.322  1.00 14.45 ? 33  LYS A O   1 
ATOM   250 C  CB  . LYS A 1 33 ? -1.074  -11.438 -5.338  1.00 17.55 ? 33  LYS A CB  1 
ATOM   251 C  CG  . LYS A 1 33 ? -0.550  -12.845 -5.114  1.00 22.40 ? 33  LYS A CG  1 
ATOM   252 C  CD  . LYS A 1 33 ? 0.625   -13.109 -6.043  1.00 26.53 ? 33  LYS A CD  1 
ATOM   253 C  CE  . LYS A 1 33 ? 1.146   -14.527 -5.906  1.00 29.03 ? 33  LYS A CE  1 
ATOM   254 N  NZ  . LYS A 1 33 ? 2.221   -14.801 -6.905  1.00 32.22 ? 33  LYS A NZ  1 
ATOM   255 N  N   . SER A 1 34 ? -1.151  -10.215 -2.483  1.00 13.86 ? 34  SER A N   1 
ATOM   256 C  CA  . SER A 1 34 ? -0.748  -10.227 -1.084  1.00 12.49 ? 34  SER A CA  1 
ATOM   257 C  C   . SER A 1 34 ? -0.340  -8.826  -0.642  1.00 12.39 ? 34  SER A C   1 
ATOM   258 O  O   . SER A 1 34 ? -0.348  -7.883  -1.434  1.00 10.08 ? 34  SER A O   1 
ATOM   259 C  CB  . SER A 1 34 ? 0.431   -11.189 -0.881  1.00 13.10 ? 34  SER A CB  1 
ATOM   260 O  OG  . SER A 1 34 ? 1.591   -10.721 -1.548  1.00 14.75 ? 34  SER A OG  1 
ATOM   261 N  N   . GLY A 1 35 ? 0.022   -8.700  0.628   1.00 10.70 ? 35  GLY A N   1 
ATOM   262 C  CA  . GLY A 1 35 ? 0.440   -7.411  1.145   1.00 11.87 ? 35  GLY A CA  1 
ATOM   263 C  C   . GLY A 1 35 ? 1.298   -7.593  2.375   1.00 11.84 ? 35  GLY A C   1 
ATOM   264 O  O   . GLY A 1 35 ? 1.211   -8.622  3.049   1.00 13.73 ? 35  GLY A O   1 
ATOM   265 N  N   . SER A 1 36 ? 2.136   -6.608  2.668   1.00 10.23 ? 36  SER A N   1 
ATOM   266 C  CA  . SER A 1 36 ? 2.995   -6.682  3.839   1.00 10.42 ? 36  SER A CA  1 
ATOM   267 C  C   . SER A 1 36 ? 3.264   -5.283  4.372   1.00 9.58  ? 36  SER A C   1 
ATOM   268 O  O   . SER A 1 36 ? 2.897   -4.288  3.746   1.00 9.49  ? 36  SER A O   1 
ATOM   269 C  CB  . SER A 1 36 ? 4.322   -7.367  3.488   1.00 11.39 ? 36  SER A CB  1 
ATOM   270 O  OG  . SER A 1 36 ? 5.083   -6.587  2.585   1.00 11.56 ? 36  SER A OG  1 
ATOM   271 N  N   . CYS A 1 37 ? 3.898   -5.212  5.536   1.00 9.81  ? 37  CYS A N   1 
ATOM   272 C  CA  . CYS A 1 37 ? 4.223   -3.931  6.148   1.00 10.26 ? 37  CYS A CA  1 
ATOM   273 C  C   . CYS A 1 37 ? 5.735   -3.758  6.271   1.00 10.98 ? 37  CYS A C   1 
ATOM   274 O  O   . CYS A 1 37 ? 6.308   -3.943  7.350   1.00 11.01 ? 37  CYS A O   1 
ATOM   275 C  CB  . CYS A 1 37 ? 3.584   -3.828  7.537   1.00 9.67  ? 37  CYS A CB  1 
ATOM   276 S  SG  . CYS A 1 37 ? 3.893   -2.224  8.333   1.00 11.21 ? 37  CYS A SG  1 
ATOM   277 N  N   . PRO A 1 38 ? 6.408   -3.409  5.164   1.00 11.03 ? 38  PRO A N   1 
ATOM   278 C  CA  . PRO A 1 38 ? 7.861   -3.232  5.240   1.00 12.21 ? 38  PRO A CA  1 
ATOM   279 C  C   . PRO A 1 38 ? 8.211   -2.024  6.102   1.00 13.74 ? 38  PRO A C   1 
ATOM   280 O  O   . PRO A 1 38 ? 7.586   -0.969  5.991   1.00 12.64 ? 38  PRO A O   1 
ATOM   281 C  CB  . PRO A 1 38 ? 8.271   -3.066  3.772   1.00 12.09 ? 38  PRO A CB  1 
ATOM   282 C  CG  . PRO A 1 38 ? 7.043   -2.464  3.135   1.00 13.82 ? 38  PRO A CG  1 
ATOM   283 C  CD  . PRO A 1 38 ? 5.917   -3.238  3.785   1.00 11.24 ? 38  PRO A CD  1 
ATOM   284 N  N   . TYR A 1 39 ? 9.201   -2.189  6.973   1.00 12.97 ? 39  TYR A N   1 
ATOM   285 C  CA  . TYR A 1 39 ? 9.618   -1.111  7.857   1.00 17.12 ? 39  TYR A CA  1 
ATOM   286 C  C   . TYR A 1 39 ? 10.364  -0.018  7.100   1.00 16.14 ? 39  TYR A C   1 
ATOM   287 O  O   . TYR A 1 39 ? 10.043  1.167   7.227   1.00 17.03 ? 39  TYR A O   1 
ATOM   288 C  CB  . TYR A 1 39 ? 10.482  -1.677  8.988   1.00 21.19 ? 39  TYR A CB  1 
ATOM   289 C  CG  . TYR A 1 39 ? 9.676   -2.383  10.066  1.00 28.69 ? 39  TYR A CG  1 
ATOM   290 C  CD1 . TYR A 1 39 ? 8.421   -2.924  9.786   1.00 30.08 ? 39  TYR A CD1 1 
ATOM   291 C  CD2 . TYR A 1 39 ? 10.175  -2.517  11.363  1.00 31.53 ? 39  TYR A CD2 1 
ATOM   292 C  CE1 . TYR A 1 39 ? 7.680   -3.577  10.765  1.00 33.15 ? 39  TYR A CE1 1 
ATOM   293 C  CE2 . TYR A 1 39 ? 9.440   -3.174  12.353  1.00 34.63 ? 39  TYR A CE2 1 
ATOM   294 C  CZ  . TYR A 1 39 ? 8.193   -3.700  12.045  1.00 34.62 ? 39  TYR A CZ  1 
ATOM   295 O  OH  . TYR A 1 39 ? 7.457   -4.346  13.014  1.00 36.71 ? 39  TYR A OH  1 
ATOM   296 N  N   . LEU A 1 40 ? 11.358  -0.412  6.313   1.00 15.53 ? 40  LEU A N   1 
ATOM   297 C  CA  . LEU A 1 40 ? 12.126  0.552   5.537   1.00 13.83 ? 40  LEU A CA  1 
ATOM   298 C  C   . LEU A 1 40 ? 11.767  0.436   4.055   1.00 13.94 ? 40  LEU A C   1 
ATOM   299 O  O   . LEU A 1 40 ? 11.386  -0.633  3.580   1.00 13.52 ? 40  LEU A O   1 
ATOM   300 C  CB  . LEU A 1 40 ? 13.625  0.325   5.758   1.00 15.58 ? 40  LEU A CB  1 
ATOM   301 C  CG  . LEU A 1 40 ? 14.085  0.466   7.219   1.00 15.19 ? 40  LEU A CG  1 
ATOM   302 C  CD1 . LEU A 1 40 ? 15.569  0.173   7.333   1.00 15.80 ? 40  LEU A CD1 1 
ATOM   303 C  CD2 . LEU A 1 40 ? 13.783  1.873   7.717   1.00 18.14 ? 40  LEU A CD2 1 
ATOM   304 N  N   . GLY A 1 41 ? 11.871  1.551   3.337   1.00 13.22 ? 41  GLY A N   1 
ATOM   305 C  CA  . GLY A 1 41 ? 11.547  1.572   1.920   1.00 11.61 ? 41  GLY A CA  1 
ATOM   306 C  C   . GLY A 1 41 ? 11.294  3.009   1.516   1.00 12.67 ? 41  GLY A C   1 
ATOM   307 O  O   . GLY A 1 41 ? 11.499  3.910   2.333   1.00 10.57 ? 41  GLY A O   1 
ATOM   308 N  N   . GLU A 1 42 ? 10.846  3.243   0.283   1.00 11.67 ? 42  GLU A N   1 
ATOM   309 C  CA  . GLU A 1 42 ? 10.595  4.616   -0.157  1.00 12.25 ? 42  GLU A CA  1 
ATOM   310 C  C   . GLU A 1 42 ? 9.620   5.298   0.799   1.00 12.18 ? 42  GLU A C   1 
ATOM   311 O  O   . GLU A 1 42 ? 9.678   6.507   1.007   1.00 11.15 ? 42  GLU A O   1 
ATOM   312 C  CB  . GLU A 1 42 ? 10.040  4.642   -1.581  1.00 14.21 ? 42  GLU A CB  1 
ATOM   313 C  CG  . GLU A 1 42 ? 10.152  6.014   -2.233  1.00 15.73 ? 42  GLU A CG  1 
ATOM   314 C  CD  . GLU A 1 42 ? 9.974   5.962   -3.738  1.00 18.83 ? 42  GLU A CD  1 
ATOM   315 O  OE1 . GLU A 1 42 ? 10.526  5.038   -4.369  1.00 19.43 ? 42  GLU A OE1 1 
ATOM   316 O  OE2 . GLU A 1 42 ? 9.298   6.853   -4.295  1.00 23.52 ? 42  GLU A OE2 1 
ATOM   317 N  N   . HIS A 1 43 ? 8.721   4.507   1.366   1.00 11.87 ? 43  HIS A N   1 
ATOM   318 C  CA  . HIS A 1 43 ? 7.750   4.989   2.343   1.00 13.63 ? 43  HIS A CA  1 
ATOM   319 C  C   . HIS A 1 43 ? 7.830   3.995   3.493   1.00 14.69 ? 43  HIS A C   1 
ATOM   320 O  O   . HIS A 1 43 ? 7.494   2.823   3.334   1.00 16.33 ? 43  HIS A O   1 
ATOM   321 C  CB  . HIS A 1 43 ? 6.349   5.022   1.725   1.00 13.20 ? 43  HIS A CB  1 
ATOM   322 C  CG  . HIS A 1 43 ? 6.169   6.125   0.727   1.00 12.49 ? 43  HIS A CG  1 
ATOM   323 N  ND1 . HIS A 1 43 ? 6.053   7.448   1.098   1.00 13.75 ? 43  HIS A ND1 1 
ATOM   324 C  CD2 . HIS A 1 43 ? 6.156   6.111   -0.626  1.00 15.25 ? 43  HIS A CD2 1 
ATOM   325 C  CE1 . HIS A 1 43 ? 5.980   8.201   0.015   1.00 14.01 ? 43  HIS A CE1 1 
ATOM   326 N  NE2 . HIS A 1 43 ? 6.040   7.414   -1.045  1.00 14.50 ? 43  HIS A NE2 1 
ATOM   327 N  N   . LYS A 1 44 ? 8.304   4.462   4.644   1.00 13.55 ? 44  LYS A N   1 
ATOM   328 C  CA  . LYS A 1 44 ? 8.473   3.604   5.813   1.00 13.73 ? 44  LYS A CA  1 
ATOM   329 C  C   . LYS A 1 44 ? 7.183   3.263   6.554   1.00 13.17 ? 44  LYS A C   1 
ATOM   330 O  O   . LYS A 1 44 ? 6.257   4.075   6.614   1.00 12.15 ? 44  LYS A O   1 
ATOM   331 C  CB  . LYS A 1 44 ? 9.456   4.256   6.787   1.00 16.86 ? 44  LYS A CB  1 
ATOM   332 C  CG  . LYS A 1 44 ? 10.839  4.488   6.204   1.00 20.80 ? 44  LYS A CG  1 
ATOM   333 C  CD  . LYS A 1 44 ? 11.755  5.170   7.207   1.00 24.33 ? 44  LYS A CD  1 
ATOM   334 C  CE  . LYS A 1 44 ? 11.288  6.584   7.507   1.00 28.91 ? 44  LYS A CE  1 
ATOM   335 N  NZ  . LYS A 1 44 ? 12.237  7.295   8.413   1.00 32.49 ? 44  LYS A NZ  1 
ATOM   336 N  N   . PHE A 1 45 ? 7.136   2.053   7.113   1.00 10.45 ? 45  PHE A N   1 
ATOM   337 C  CA  . PHE A 1 45 ? 5.978   1.588   7.873   1.00 11.83 ? 45  PHE A CA  1 
ATOM   338 C  C   . PHE A 1 45 ? 4.688   1.883   7.121   1.00 11.30 ? 45  PHE A C   1 
ATOM   339 O  O   . PHE A 1 45 ? 3.817   2.603   7.609   1.00 12.89 ? 45  PHE A O   1 
ATOM   340 C  CB  . PHE A 1 45 ? 5.958   2.271   9.243   1.00 12.60 ? 45  PHE A CB  1 
ATOM   341 C  CG  . PHE A 1 45 ? 7.145   1.933   10.096  1.00 15.42 ? 45  PHE A CG  1 
ATOM   342 C  CD1 . PHE A 1 45 ? 7.220   0.706   10.747  1.00 16.00 ? 45  PHE A CD1 1 
ATOM   343 C  CD2 . PHE A 1 45 ? 8.210   2.821   10.212  1.00 16.49 ? 45  PHE A CD2 1 
ATOM   344 C  CE1 . PHE A 1 45 ? 8.343   0.366   11.503  1.00 17.62 ? 45  PHE A CE1 1 
ATOM   345 C  CE2 . PHE A 1 45 ? 9.341   2.488   10.966  1.00 18.33 ? 45  PHE A CE2 1 
ATOM   346 C  CZ  . PHE A 1 45 ? 9.404   1.255   11.611  1.00 16.30 ? 45  PHE A CZ  1 
ATOM   347 N  N   . ALA A 1 46 ? 4.578   1.326   5.919   1.00 9.30  ? 46  ALA A N   1 
ATOM   348 C  CA  . ALA A 1 46 ? 3.399   1.542   5.092   1.00 11.00 ? 46  ALA A CA  1 
ATOM   349 C  C   . ALA A 1 46 ? 3.057   0.252   4.370   1.00 10.86 ? 46  ALA A C   1 
ATOM   350 O  O   . ALA A 1 46 ? 3.937   -0.553  4.064   1.00 10.74 ? 46  ALA A O   1 
ATOM   351 C  CB  . ALA A 1 46 ? 3.660   2.663   4.086   1.00 8.91  ? 46  ALA A CB  1 
ATOM   352 N  N   . CYS A 1 47 ? 1.774   0.051   4.107   1.00 9.24  ? 47  CYS A N   1 
ATOM   353 C  CA  . CYS A 1 47 ? 1.339   -1.159  3.431   1.00 9.09  ? 47  CYS A CA  1 
ATOM   354 C  C   . CYS A 1 47 ? 1.792   -1.218  1.978   1.00 10.04 ? 47  CYS A C   1 
ATOM   355 O  O   . CYS A 1 47 ? 1.592   -0.271  1.208   1.00 7.82  ? 47  CYS A O   1 
ATOM   356 C  CB  . CYS A 1 47 ? -0.178  -1.282  3.504   1.00 9.24  ? 47  CYS A CB  1 
ATOM   357 S  SG  . CYS A 1 47 ? -0.828  -1.706  5.155   1.00 9.34  ? 47  CYS A SG  1 
ATOM   358 N  N   . TYR A 1 48 ? 2.402   -2.347  1.622   1.00 8.42  ? 48  TYR A N   1 
ATOM   359 C  CA  . TYR A 1 48 ? 2.903   -2.582  0.274   1.00 8.98  ? 48  TYR A CA  1 
ATOM   360 C  C   . TYR A 1 48 ? 2.145   -3.767  -0.314  1.00 9.14  ? 48  TYR A C   1 
ATOM   361 O  O   . TYR A 1 48 ? 2.146   -4.856  0.260   1.00 8.39  ? 48  TYR A O   1 
ATOM   362 C  CB  . TYR A 1 48 ? 4.397   -2.905  0.322   1.00 9.30  ? 48  TYR A CB  1 
ATOM   363 C  CG  . TYR A 1 48 ? 5.069   -2.895  -1.026  1.00 10.61 ? 48  TYR A CG  1 
ATOM   364 C  CD1 . TYR A 1 48 ? 5.360   -1.689  -1.669  1.00 10.67 ? 48  TYR A CD1 1 
ATOM   365 C  CD2 . TYR A 1 48 ? 5.412   -4.086  -1.667  1.00 10.39 ? 48  TYR A CD2 1 
ATOM   366 C  CE1 . TYR A 1 48 ? 5.974   -1.667  -2.910  1.00 10.53 ? 48  TYR A CE1 1 
ATOM   367 C  CE2 . TYR A 1 48 ? 6.028   -4.076  -2.915  1.00 10.98 ? 48  TYR A CE2 1 
ATOM   368 C  CZ  . TYR A 1 48 ? 6.305   -2.861  -3.529  1.00 12.05 ? 48  TYR A CZ  1 
ATOM   369 O  OH  . TYR A 1 48 ? 6.924   -2.835  -4.753  1.00 13.07 ? 48  TYR A OH  1 
ATOM   370 N  N   . CYS A 1 49 ? 1.502   -3.555  -1.458  1.00 9.01  ? 49  CYS A N   1 
ATOM   371 C  CA  . CYS A 1 49 ? 0.726   -4.610  -2.105  1.00 9.86  ? 49  CYS A CA  1 
ATOM   372 C  C   . CYS A 1 49 ? 1.424   -5.181  -3.337  1.00 10.97 ? 49  CYS A C   1 
ATOM   373 O  O   . CYS A 1 49 ? 2.103   -4.459  -4.066  1.00 11.24 ? 49  CYS A O   1 
ATOM   374 C  CB  . CYS A 1 49 ? -0.639  -4.078  -2.544  1.00 9.79  ? 49  CYS A CB  1 
ATOM   375 S  SG  . CYS A 1 49 ? -1.681  -3.277  -1.282  1.00 11.11 ? 49  CYS A SG  1 
ATOM   376 N  N   . LYS A 1 50 ? 1.232   -6.475  -3.570  1.00 11.55 ? 50  LYS A N   1 
ATOM   377 C  CA  . LYS A 1 50 ? 1.811   -7.153  -4.723  1.00 13.57 ? 50  LYS A CA  1 
ATOM   378 C  C   . LYS A 1 50 ? 0.700   -7.592  -5.676  1.00 15.06 ? 50  LYS A C   1 
ATOM   379 O  O   . LYS A 1 50 ? -0.309  -8.159  -5.249  1.00 13.30 ? 50  LYS A O   1 
ATOM   380 C  CB  . LYS A 1 50 ? 2.640   -8.359  -4.267  1.00 14.03 ? 50  LYS A CB  1 
ATOM   381 C  CG  . LYS A 1 50 ? 3.941   -7.947  -3.579  1.00 19.21 ? 50  LYS A CG  1 
ATOM   382 C  CD  . LYS A 1 50 ? 4.892   -9.111  -3.351  1.00 22.65 ? 50  LYS A CD  1 
ATOM   383 C  CE  . LYS A 1 50 ? 6.237   -8.600  -2.840  1.00 24.73 ? 50  LYS A CE  1 
ATOM   384 N  NZ  . LYS A 1 50 ? 7.186   -9.697  -2.491  1.00 26.23 ? 50  LYS A NZ  1 
ATOM   385 N  N   . ASP A 1 51 ? 0.886   -7.313  -6.964  1.00 17.27 ? 51  ASP A N   1 
ATOM   386 C  CA  . ASP A 1 51 ? -0.104  -7.669  -7.982  1.00 20.76 ? 51  ASP A CA  1 
ATOM   387 C  C   . ASP A 1 51 ? -1.411  -6.908  -7.765  1.00 20.07 ? 51  ASP A C   1 
ATOM   388 O  O   . ASP A 1 51 ? -2.491  -7.496  -7.768  1.00 19.09 ? 51  ASP A O   1 
ATOM   389 C  CB  . ASP A 1 51 ? -0.380  -9.173  -7.954  1.00 25.71 ? 51  ASP A CB  1 
ATOM   390 C  CG  . ASP A 1 51 ? 0.817   -9.994  -8.377  1.00 30.76 ? 51  ASP A CG  1 
ATOM   391 O  OD1 . ASP A 1 51 ? 1.920   -9.769  -7.834  1.00 35.59 ? 51  ASP A OD1 1 
ATOM   392 O  OD2 . ASP A 1 51 ? 0.652   -10.873 -9.248  1.00 36.33 ? 51  ASP A OD2 1 
ATOM   393 N  N   . LEU A 1 52 ? -1.298  -5.596  -7.587  1.00 20.62 ? 52  LEU A N   1 
ATOM   394 C  CA  . LEU A 1 52 ? -2.448  -4.733  -7.348  1.00 22.76 ? 52  LEU A CA  1 
ATOM   395 C  C   . LEU A 1 52 ? -3.098  -4.306  -8.669  1.00 24.34 ? 52  LEU A C   1 
ATOM   396 O  O   . LEU A 1 52 ? -2.402  -4.013  -9.641  1.00 23.67 ? 52  LEU A O   1 
ATOM   397 C  CB  . LEU A 1 52 ? -1.996  -3.492  -6.565  1.00 22.53 ? 52  LEU A CB  1 
ATOM   398 C  CG  . LEU A 1 52 ? -3.050  -2.531  -6.009  1.00 22.85 ? 52  LEU A CG  1 
ATOM   399 C  CD1 . LEU A 1 52 ? -3.726  -3.157  -4.806  1.00 22.27 ? 52  LEU A CD1 1 
ATOM   400 C  CD2 . LEU A 1 52 ? -2.390  -1.219  -5.608  1.00 23.84 ? 52  LEU A CD2 1 
ATOM   401 N  N   . PRO A 1 53 ? -4.442  -4.278  -8.720  1.00 24.55 ? 53  PRO A N   1 
ATOM   402 C  CA  . PRO A 1 53 ? -5.161  -3.876  -9.939  1.00 26.53 ? 53  PRO A CA  1 
ATOM   403 C  C   . PRO A 1 53 ? -4.795  -2.443  -10.333 1.00 26.90 ? 53  PRO A C   1 
ATOM   404 O  O   . PRO A 1 53 ? -4.707  -1.559  -9.482  1.00 25.99 ? 53  PRO A O   1 
ATOM   405 C  CB  . PRO A 1 53 ? -6.630  -4.011  -9.536  1.00 25.58 ? 53  PRO A CB  1 
ATOM   406 C  CG  . PRO A 1 53 ? -6.596  -5.134  -8.537  1.00 27.07 ? 53  PRO A CG  1 
ATOM   407 C  CD  . PRO A 1 53 ? -5.384  -4.776  -7.701  1.00 24.81 ? 53  PRO A CD  1 
ATOM   408 N  N   . ASP A 1 54 ? -4.600  -2.221  -11.626 1.00 29.02 ? 54  ASP A N   1 
ATOM   409 C  CA  . ASP A 1 54 ? -4.217  -0.910  -12.140 1.00 31.89 ? 54  ASP A CA  1 
ATOM   410 C  C   . ASP A 1 54 ? -5.098  0.260   -11.707 1.00 31.30 ? 54  ASP A C   1 
ATOM   411 O  O   . ASP A 1 54 ? -4.635  1.400   -11.664 1.00 32.49 ? 54  ASP A O   1 
ATOM   412 C  CB  . ASP A 1 54 ? -4.162  -0.956  -13.670 1.00 34.84 ? 54  ASP A CB  1 
ATOM   413 C  CG  . ASP A 1 54 ? -5.520  -1.204  -14.291 1.00 38.46 ? 54  ASP A CG  1 
ATOM   414 O  OD1 . ASP A 1 54 ? -6.167  -2.211  -13.933 1.00 40.74 ? 54  ASP A OD1 1 
ATOM   415 O  OD2 . ASP A 1 54 ? -5.943  -0.391  -15.138 1.00 42.86 ? 54  ASP A OD2 1 
ATOM   416 N  N   . ASN A 1 55 ? -6.358  -0.011  -11.380 1.00 30.73 ? 55  ASN A N   1 
ATOM   417 C  CA  . ASN A 1 55 ? -7.278  1.055   -10.989 1.00 30.78 ? 55  ASN A CA  1 
ATOM   418 C  C   . ASN A 1 55 ? -7.266  1.453   -9.513  1.00 28.77 ? 55  ASN A C   1 
ATOM   419 O  O   . ASN A 1 55 ? -7.934  2.410   -9.127  1.00 30.43 ? 55  ASN A O   1 
ATOM   420 C  CB  . ASN A 1 55 ? -8.700  0.677   -11.393 1.00 34.10 ? 55  ASN A CB  1 
ATOM   421 C  CG  . ASN A 1 55 ? -9.167  -0.590  -10.726 1.00 36.19 ? 55  ASN A CG  1 
ATOM   422 O  OD1 . ASN A 1 55 ? -8.494  -1.621  -10.789 1.00 37.23 ? 55  ASN A OD1 1 
ATOM   423 N  ND2 . ASN A 1 55 ? -10.324 -0.527  -10.080 1.00 36.80 ? 55  ASN A ND2 1 
ATOM   424 N  N   . VAL A 1 56 ? -6.522  0.725   -8.687  1.00 26.23 ? 56  VAL A N   1 
ATOM   425 C  CA  . VAL A 1 56 ? -6.442  1.047   -7.263  1.00 22.02 ? 56  VAL A CA  1 
ATOM   426 C  C   . VAL A 1 56 ? -5.482  2.224   -7.064  1.00 19.90 ? 56  VAL A C   1 
ATOM   427 O  O   . VAL A 1 56 ? -4.384  2.232   -7.615  1.00 18.68 ? 56  VAL A O   1 
ATOM   428 C  CB  . VAL A 1 56 ? -5.930  -0.162  -6.451  1.00 23.02 ? 56  VAL A CB  1 
ATOM   429 C  CG1 . VAL A 1 56 ? -5.770  0.219   -4.984  1.00 21.71 ? 56  VAL A CG1 1 
ATOM   430 C  CG2 . VAL A 1 56 ? -6.899  -1.330  -6.593  1.00 22.83 ? 56  VAL A CG2 1 
ATOM   431 N  N   . PRO A 1 57 ? -5.886  3.235   -6.278  1.00 19.33 ? 57  PRO A N   1 
ATOM   432 C  CA  . PRO A 1 57 ? -4.998  4.384   -6.061  1.00 18.66 ? 57  PRO A CA  1 
ATOM   433 C  C   . PRO A 1 57 ? -3.714  4.031   -5.313  1.00 18.06 ? 57  PRO A C   1 
ATOM   434 O  O   . PRO A 1 57 ? -3.738  3.295   -4.325  1.00 17.85 ? 57  PRO A O   1 
ATOM   435 C  CB  . PRO A 1 57 ? -5.883  5.364   -5.288  1.00 18.90 ? 57  PRO A CB  1 
ATOM   436 C  CG  . PRO A 1 57 ? -6.825  4.464   -4.551  1.00 22.06 ? 57  PRO A CG  1 
ATOM   437 C  CD  . PRO A 1 57 ? -7.169  3.420   -5.579  1.00 18.67 ? 57  PRO A CD  1 
ATOM   438 N  N   . ILE A 1 58 ? -2.596  4.565   -5.798  1.00 17.04 ? 58  ILE A N   1 
ATOM   439 C  CA  . ILE A 1 58 ? -1.289  4.320   -5.204  1.00 16.31 ? 58  ILE A CA  1 
ATOM   440 C  C   . ILE A 1 58 ? -0.585  5.630   -4.833  1.00 16.66 ? 58  ILE A C   1 
ATOM   441 O  O   . ILE A 1 58 ? -0.944  6.704   -5.325  1.00 15.95 ? 58  ILE A O   1 
ATOM   442 C  CB  . ILE A 1 58 ? -0.393  3.520   -6.172  1.00 17.67 ? 58  ILE A CB  1 
ATOM   443 C  CG1 . ILE A 1 58 ? -0.170  4.323   -7.459  1.00 17.36 ? 58  ILE A CG1 1 
ATOM   444 C  CG2 . ILE A 1 58 ? -1.056  2.179   -6.503  1.00 16.12 ? 58  ILE A CG2 1 
ATOM   445 C  CD1 . ILE A 1 58 ? 0.781   3.663   -8.446  1.00 19.42 ? 58  ILE A CD1 1 
ATOM   446 N  N   . ARG A 1 59 ? 0.417   5.530   -3.963  1.00 15.32 ? 59  ARG A N   1 
ATOM   447 C  CA  . ARG A 1 59 ? 1.176   6.696   -3.506  1.00 15.10 ? 59  ARG A CA  1 
ATOM   448 C  C   . ARG A 1 59 ? 2.139   7.180   -4.590  1.00 15.26 ? 59  ARG A C   1 
ATOM   449 O  O   . ARG A 1 59 ? 2.965   6.411   -5.076  1.00 13.69 ? 59  ARG A O   1 
ATOM   450 C  CB  . ARG A 1 59 ? 1.979   6.336   -2.249  1.00 12.81 ? 59  ARG A CB  1 
ATOM   451 C  CG  . ARG A 1 59 ? 2.690   7.502   -1.569  1.00 12.61 ? 59  ARG A CG  1 
ATOM   452 C  CD  . ARG A 1 59 ? 1.715   8.355   -0.773  1.00 11.78 ? 59  ARG A CD  1 
ATOM   453 N  NE  . ARG A 1 59 ? 2.381   9.293   0.133   1.00 13.95 ? 59  ARG A NE  1 
ATOM   454 C  CZ  . ARG A 1 59 ? 3.059   10.369  -0.256  1.00 14.85 ? 59  ARG A CZ  1 
ATOM   455 N  NH1 . ARG A 1 59 ? 3.172   10.656  -1.547  1.00 15.96 ? 59  ARG A NH1 1 
ATOM   456 N  NH2 . ARG A 1 59 ? 3.610   11.173  0.647   1.00 12.72 ? 59  ARG A NH2 1 
ATOM   457 N  N   . VAL A 1 60 ? 2.026   8.449   -4.972  1.00 15.24 ? 60  VAL A N   1 
ATOM   458 C  CA  . VAL A 1 60 ? 2.918   9.017   -5.981  1.00 16.29 ? 60  VAL A CA  1 
ATOM   459 C  C   . VAL A 1 60 ? 3.677   10.182  -5.346  1.00 16.37 ? 60  VAL A C   1 
ATOM   460 O  O   . VAL A 1 60 ? 3.387   10.563  -4.212  1.00 14.34 ? 60  VAL A O   1 
ATOM   461 C  CB  . VAL A 1 60 ? 2.134   9.516   -7.225  1.00 16.54 ? 60  VAL A CB  1 
ATOM   462 C  CG1 . VAL A 1 60 ? 1.528   8.332   -7.963  1.00 17.62 ? 60  VAL A CG1 1 
ATOM   463 C  CG2 . VAL A 1 60 ? 1.051   10.496  -6.811  1.00 16.58 ? 60  VAL A CG2 1 
ATOM   464 N  N   . PRO A 1 61 ? 4.666   10.753  -6.061  1.00 17.87 ? 61  PRO A N   1 
ATOM   465 C  CA  . PRO A 1 61 ? 5.433   11.874  -5.505  1.00 17.60 ? 61  PRO A CA  1 
ATOM   466 C  C   . PRO A 1 61 ? 4.524   13.004  -5.036  1.00 17.38 ? 61  PRO A C   1 
ATOM   467 O  O   . PRO A 1 61 ? 3.542   13.340  -5.698  1.00 16.51 ? 61  PRO A O   1 
ATOM   468 C  CB  . PRO A 1 61 ? 6.320   12.299  -6.677  1.00 18.32 ? 61  PRO A CB  1 
ATOM   469 C  CG  . PRO A 1 61 ? 6.536   11.016  -7.415  1.00 18.29 ? 61  PRO A CG  1 
ATOM   470 C  CD  . PRO A 1 61 ? 5.147   10.416  -7.414  1.00 18.06 ? 61  PRO A CD  1 
ATOM   471 N  N   . GLY A 1 62 ? 4.847   13.586  -3.886  1.00 18.17 ? 62  GLY A N   1 
ATOM   472 C  CA  . GLY A 1 62 ? 4.030   14.670  -3.375  1.00 19.13 ? 62  GLY A CA  1 
ATOM   473 C  C   . GLY A 1 62 ? 3.678   14.510  -1.911  1.00 19.71 ? 62  GLY A C   1 
ATOM   474 O  O   . GLY A 1 62 ? 3.829   13.436  -1.334  1.00 19.95 ? 62  GLY A O   1 
ATOM   475 N  N   . LYS A 1 63 ? 3.186   15.589  -1.315  1.00 19.69 ? 63  LYS A N   1 
ATOM   476 C  CA  . LYS A 1 63 ? 2.820   15.596  0.090   1.00 19.77 ? 63  LYS A CA  1 
ATOM   477 C  C   . LYS A 1 63 ? 1.427   15.029  0.349   1.00 18.21 ? 63  LYS A C   1 
ATOM   478 O  O   . LYS A 1 63 ? 0.477   15.315  -0.388  1.00 17.42 ? 63  LYS A O   1 
ATOM   479 C  CB  . LYS A 1 63 ? 2.894   17.030  0.624   1.00 22.95 ? 63  LYS A CB  1 
ATOM   480 C  CG  . LYS A 1 63 ? 2.703   17.164  2.128   1.00 25.71 ? 63  LYS A CG  1 
ATOM   481 C  CD  . LYS A 1 63 ? 2.604   18.629  2.522   1.00 29.00 ? 63  LYS A CD  1 
ATOM   482 C  CE  . LYS A 1 63 ? 2.457   18.801  4.023   1.00 31.49 ? 63  LYS A CE  1 
ATOM   483 N  NZ  . LYS A 1 63 ? 3.704   18.405  4.734   1.00 35.64 ? 63  LYS A NZ  1 
ATOM   484 N  N   . CYS A 1 64 ? 1.317   14.212  1.393   1.00 16.66 ? 64  CYS A N   1 
ATOM   485 C  CA  . CYS A 1 64 ? 0.034   13.638  1.790   1.00 16.72 ? 64  CYS A CA  1 
ATOM   486 C  C   . CYS A 1 64 ? -0.801  14.788  2.350   1.00 18.51 ? 64  CYS A C   1 
ATOM   487 O  O   . CYS A 1 64 ? -0.322  15.562  3.178   1.00 16.37 ? 64  CYS A O   1 
ATOM   488 C  CB  . CYS A 1 64 ? 0.248   12.556  2.860   1.00 16.50 ? 64  CYS A CB  1 
ATOM   489 S  SG  . CYS A 1 64 ? -1.149  12.238  3.995   1.00 16.60 ? 64  CYS A SG  1 
ATOM   490 N  N   . HIS A 1 65 ? -2.042  14.908  1.889   1.00 20.89 ? 65  HIS A N   1 
ATOM   491 C  CA  . HIS A 1 65 ? -2.924  15.979  2.340   1.00 23.10 ? 65  HIS A CA  1 
ATOM   492 C  C   . HIS A 1 65 ? -4.389  15.549  2.360   1.00 24.97 ? 65  HIS A C   1 
ATOM   493 O  O   . HIS A 1 65 ? -4.659  14.339  2.192   1.00 25.38 ? 65  HIS A O   1 
ATOM   494 C  CB  . HIS A 1 65 ? -2.762  17.207  1.438   1.00 24.41 ? 65  HIS A CB  1 
ATOM   495 C  CG  . HIS A 1 65 ? -3.007  16.928  -0.011  1.00 23.48 ? 65  HIS A CG  1 
ATOM   496 N  ND1 . HIS A 1 65 ? -2.177  16.125  -0.765  1.00 24.44 ? 65  HIS A ND1 1 
ATOM   497 C  CD2 . HIS A 1 65 ? -4.009  17.313  -0.836  1.00 24.84 ? 65  HIS A CD2 1 
ATOM   498 C  CE1 . HIS A 1 65 ? -2.659  16.025  -1.992  1.00 23.81 ? 65  HIS A CE1 1 
ATOM   499 N  NE2 . HIS A 1 65 ? -3.771  16.736  -2.061  1.00 24.93 ? 65  HIS A NE2 1 
HETATM 500 CL CL  . CL  B 2 .  ? -7.680  2.998   -0.919  1.00 54.74 ? 105 CL  A CL  1 
HETATM 501 C  C   . ACY C 3 .  ? 2.633   9.613   4.422   1.00 34.59 ? 101 ACY A C   1 
HETATM 502 O  O   . ACY C 3 .  ? 3.854   9.938   4.132   1.00 35.93 ? 101 ACY A O   1 
HETATM 503 O  OXT . ACY C 3 .  ? 2.100   9.548   5.578   1.00 38.34 ? 101 ACY A OXT 1 
HETATM 504 C  CH3 . ACY C 3 .  ? 1.797   9.291   3.209   1.00 34.97 ? 101 ACY A CH3 1 
HETATM 505 O  O   . HOH D 4 .  ? 1.748   -10.268 11.106  1.00 28.61 ? 106 HOH A O   1 
HETATM 506 O  O   . HOH D 4 .  ? 10.453  -2.111  1.500   1.00 13.09 ? 107 HOH A O   1 
HETATM 507 O  O   . HOH D 4 .  ? 8.066   0.331   3.760   1.00 23.84 ? 108 HOH A O   1 
HETATM 508 O  O   . HOH D 4 .  ? 12.330  6.514   3.300   1.00 28.23 ? 109 HOH A O   1 
HETATM 509 O  O   . HOH D 4 .  ? 8.793   9.317   -2.828  1.00 31.28 ? 110 HOH A O   1 
HETATM 510 O  O   . HOH D 4 .  ? 0.358   2.288   1.853   1.00 11.08 ? 111 HOH A O   1 
HETATM 511 O  O   . HOH D 4 .  ? 4.158   -6.988  0.060   1.00 21.04 ? 112 HOH A O   1 
HETATM 512 O  O   . HOH D 4 .  ? 3.902   13.532  2.989   1.00 22.61 ? 113 HOH A O   1 
HETATM 513 O  O   . HOH D 4 .  ? 3.435   -9.632  0.178   1.00 22.92 ? 114 HOH A O   1 
HETATM 514 O  O   . HOH D 4 .  ? -9.703  7.754   1.198   1.00 31.50 ? 115 HOH A O   1 
HETATM 515 O  O   . HOH D 4 .  ? 4.570   1.539   12.680  1.00 14.30 ? 116 HOH A O   1 
HETATM 516 O  O   . HOH D 4 .  ? 7.338   -6.197  8.405   1.00 35.38 ? 117 HOH A O   1 
HETATM 517 O  O   . HOH D 4 .  ? 6.281   9.019   -3.347  1.00 44.43 ? 118 HOH A O   1 
HETATM 518 O  O   . HOH D 4 .  ? -1.429  8.133   6.180   1.00 19.49 ? 119 HOH A O   1 
HETATM 519 O  O   . HOH D 4 .  ? -7.873  0.481   7.853   1.00 30.75 ? 120 HOH A O   1 
HETATM 520 O  O   . HOH D 4 .  ? 6.900   -9.201  -6.386  1.00 37.18 ? 121 HOH A O   1 
HETATM 521 O  O   . HOH D 4 .  ? 4.607   -9.529  -7.725  1.00 30.74 ? 122 HOH A O   1 
HETATM 522 O  O   . HOH D 4 .  ? -4.830  9.432   -3.253  1.00 21.39 ? 123 HOH A O   1 
HETATM 523 O  O   . HOH D 4 .  ? -8.127  9.514   4.088   1.00 27.02 ? 124 HOH A O   1 
HETATM 524 O  O   . HOH D 4 .  ? 10.703  -4.833  6.711   1.00 43.31 ? 125 HOH A O   1 
HETATM 525 O  O   . HOH D 4 .  ? -8.006  -9.371  -8.067  1.00 36.00 ? 126 HOH A O   1 
HETATM 526 O  O   . HOH D 4 .  ? 4.125   -8.872  11.142  1.00 38.91 ? 127 HOH A O   1 
HETATM 527 O  O   . HOH D 4 .  ? -2.747  8.862   -4.903  1.00 25.90 ? 128 HOH A O   1 
HETATM 528 O  O   . HOH D 4 .  ? 7.114   7.707   -5.387  1.00 51.94 ? 129 HOH A O   1 
HETATM 529 O  O   . HOH D 4 .  ? -8.894  -11.055 3.036   1.00 47.37 ? 130 HOH A O   1 
HETATM 530 O  O   . HOH D 4 .  ? 0.559   15.473  -3.245  1.00 29.73 ? 131 HOH A O   1 
HETATM 531 O  O   . HOH D 4 .  ? 5.568   4.965   -4.064  1.00 33.55 ? 132 HOH A O   1 
HETATM 532 O  O   . HOH D 4 .  ? -6.907  -4.661  7.080   1.00 35.51 ? 133 HOH A O   1 
HETATM 533 O  O   . HOH D 4 .  ? 1.079   14.929  -6.223  1.00 33.90 ? 134 HOH A O   1 
HETATM 534 O  O   . HOH D 4 .  ? -2.690  -13.184 0.510   1.00 40.74 ? 135 HOH A O   1 
HETATM 535 O  O   . HOH D 4 .  ? 1.378   -12.441 12.268  1.00 44.84 ? 136 HOH A O   1 
HETATM 536 O  O   . HOH D 4 .  ? 1.799   -10.779 4.390   1.00 34.13 ? 137 HOH A O   1 
HETATM 537 O  O   . HOH D 4 .  ? 7.557   12.946  -2.885  1.00 42.72 ? 138 HOH A O   1 
HETATM 538 O  O   . HOH D 4 .  ? 8.490   -0.859  15.602  1.00 39.39 ? 139 HOH A O   1 
HETATM 539 O  O   . HOH D 4 .  ? 4.859   2.477   -4.762  1.00 22.85 ? 140 HOH A O   1 
HETATM 540 O  O   . HOH D 4 .  ? 5.937   6.032   8.750   1.00 16.92 ? 141 HOH A O   1 
HETATM 541 O  O   . HOH D 4 .  ? 5.554   8.011   3.963   1.00 27.72 ? 142 HOH A O   1 
HETATM 542 O  O   . HOH D 4 .  ? 7.567   7.359   5.074   1.00 30.67 ? 143 HOH A O   1 
# 
